data_3E2E
#
_entry.id   3E2E
#
_cell.length_a   81.008
_cell.length_b   81.008
_cell.length_c   358.791
_cell.angle_alpha   90.000
_cell.angle_beta   90.000
_cell.angle_gamma   120.000
#
_symmetry.space_group_name_H-M   'P 61'
#
loop_
_entity.id
_entity.type
_entity.pdbx_description
1 polymer 'DNA-directed RNA polymerase'
2 polymer "RNA (5'-R(*GP*GP*GP*AP*GP*UP*G)-3')"
3 polymer 'DNA (31-MER)'
4 polymer 'DNA (28-MER)'
5 water water
#
loop_
_entity_poly.entity_id
_entity_poly.type
_entity_poly.pdbx_seq_one_letter_code
_entity_poly.pdbx_strand_id
1 'polypeptide(L)'
;HHHHHHMNTINIAKNDFSDIELAAIPFNTLADHYGERLAREQLALEHESYEMGEARFRKMFERQLKAGEVADNAAAKPLI
TTLLPKMIARINDWFEEVKAKRGKRPTAFQFLQEIKPEAVAYITIKTTLACLTSADNTTVQAVASAIGRAIEDEARFGRI
RDLEAKHFKKNVEEQLNKRVGHVYKKAFMQVVEADMLSKGLLGGEAWSSWHKEDSIHVGVRCIEMLIESTGMVSLHRQNA
GVVGQDSETIELAPEYAEAIATRAGALAGISLMFQPCVVPPKPWTGITGGGYWANGRRPLALVRTHSKKALMRYEDVYMP
EVYKAINIAQNTAWKINKKVLAVANVITKWKHCPVEDIPAIEREELPMKPEDIDMNPEALTAWKRAAAAVYRKDKARKSR
RISLEFMLEQANKFANHKAIWFPYNMDWRGRVYAVSMFNPQGNDMTKGLLTLAKGKPIGKEGYYWLKIHGANCAGVDKVP
FPERIKFIEENHENIMACAKSPLENTWWAEQDSPFCFLAFCFEYAGVQHHGLSYNCSLPLAFDGSCSGIQHFSAMLRDEV
GGRAVNLLPSETVQDIYGIVAKKVNEILQADAINGTDNEVVTVTDENTGEISEKVKLGTKALAGQWLAYGVTRSVTKRSV
MTLAYGSKEFGFRQQVLEDTIQPAIDSGKGLMFTQPNQAAGYMAKLIWESVSVTVVAAVEAMNWLKSAAKLLAAEVKDKK
TGEILRKRCAVHWVTPDGFPVWQEYKKPIQTRLNLMFLGQFRLQPTINTNKDSEIDAHKQESGIAPNFVHSQDGSHLRKT
VVWAHEKYGIESFALIHDSFGTIPADAANLFKAVRETMVDTYESCDVLADFYDQFADQLHESQLDKMPALPAKGNLNLRD
ILESDFAFA
;
A
2 'polyribonucleotide' GGGAGUG R
3 'polydeoxyribonucleotide'
;(DA)(DG)(DC)(DC)(DG)(DT)(DG)(DC)(DG)(DC)(DA)(DC)(DT)(DC)(DC)(DC)(DT)(DA)(DT)(DA)
(DG)(DT)(DG)(DA)(DG)(DT)(DC)(DG)(DT)(DA)(DT)(DT)(DA)
;
T
4 'polydeoxyribonucleotide'
;(DT)(DA)(DA)(DT)(DA)(DC)(DG)(DA)(DC)(DT)(DC)(DA)(DC)(DT)(DA)(DT)(DA)(DT)(DT)(DT)
(DC)(DT)(DG)(DG)(DC)(DG)(DC)(DA)(DC)(DG)(DG)(DC)(DT)
;
N
#
# COMPACT_ATOMS: atom_id res chain seq x y z
N LYS A 14 24.49 12.61 14.69
CA LYS A 14 23.47 13.64 14.34
C LYS A 14 23.06 14.44 15.58
N ASN A 15 22.93 13.76 16.71
CA ASN A 15 22.59 14.39 17.99
C ASN A 15 23.67 15.37 18.47
N ASP A 16 24.85 15.27 17.85
CA ASP A 16 25.99 16.11 18.21
C ASP A 16 25.98 17.50 17.55
N PHE A 17 25.17 17.66 16.51
CA PHE A 17 25.04 18.95 15.83
C PHE A 17 24.04 19.86 16.56
N SER A 18 24.17 21.17 16.30
CA SER A 18 23.27 22.18 16.86
C SER A 18 21.96 22.19 16.07
N ASP A 19 20.90 22.72 16.68
CA ASP A 19 19.61 22.87 16.00
C ASP A 19 19.74 23.88 14.87
N ILE A 20 20.56 24.89 15.07
CA ILE A 20 20.88 25.89 14.05
C ILE A 20 21.52 25.16 12.87
N GLU A 21 22.49 24.30 13.18
CA GLU A 21 23.22 23.52 12.20
C GLU A 21 22.34 22.49 11.49
N LEU A 22 21.51 21.79 12.26
CA LEU A 22 20.62 20.76 11.70
C LEU A 22 19.54 21.34 10.78
N ALA A 23 19.25 22.62 10.93
CA ALA A 23 18.24 23.27 10.10
C ALA A 23 18.84 23.90 8.86
N ALA A 24 20.13 24.24 8.93
CA ALA A 24 20.84 24.89 7.83
C ALA A 24 21.46 23.89 6.85
N ILE A 25 21.99 22.79 7.38
CA ILE A 25 22.69 21.78 6.58
C ILE A 25 21.87 21.21 5.40
N PRO A 26 20.61 20.79 5.64
CA PRO A 26 19.83 20.29 4.51
C PRO A 26 19.70 21.34 3.40
N PHE A 27 19.35 22.56 3.79
CA PHE A 27 19.22 23.66 2.83
C PHE A 27 20.51 23.89 2.05
N ASN A 28 21.62 24.08 2.78
CA ASN A 28 22.93 24.36 2.18
C ASN A 28 23.40 23.33 1.17
N THR A 29 23.39 22.06 1.56
CA THR A 29 23.81 20.97 0.67
C THR A 29 22.84 20.83 -0.50
N LEU A 30 21.60 21.25 -0.29
CA LEU A 30 20.57 21.19 -1.31
C LEU A 30 20.70 22.38 -2.27
N ALA A 31 21.09 23.54 -1.73
CA ALA A 31 21.28 24.75 -2.52
C ALA A 31 22.59 24.74 -3.32
N ASP A 32 23.53 23.90 -2.91
CA ASP A 32 24.81 23.78 -3.59
C ASP A 32 24.72 22.88 -4.81
N HIS A 33 23.98 21.78 -4.68
CA HIS A 33 23.85 20.83 -5.76
C HIS A 33 22.78 21.21 -6.78
N TYR A 34 21.66 21.75 -6.28
CA TYR A 34 20.49 22.01 -7.12
C TYR A 34 20.02 23.47 -7.18
N GLY A 35 20.78 24.37 -6.56
CA GLY A 35 20.40 25.77 -6.50
C GLY A 35 19.46 26.00 -5.33
N GLU A 36 19.37 27.26 -4.90
CA GLU A 36 18.53 27.62 -3.77
C GLU A 36 17.04 27.66 -4.13
N ARG A 37 16.75 27.87 -5.40
CA ARG A 37 15.38 27.92 -5.92
C ARG A 37 14.63 26.66 -5.51
N LEU A 38 15.16 25.51 -5.92
CA LEU A 38 14.54 24.22 -5.61
C LEU A 38 14.78 23.82 -4.16
N ALA A 39 15.86 24.33 -3.56
CA ALA A 39 16.18 24.04 -2.16
C ALA A 39 15.06 24.53 -1.23
N ARG A 40 14.51 25.70 -1.56
CA ARG A 40 13.40 26.26 -0.79
C ARG A 40 12.11 25.47 -1.01
N GLU A 41 11.80 25.19 -2.28
CA GLU A 41 10.58 24.46 -2.64
C GLU A 41 10.51 23.08 -2.01
N GLN A 42 11.64 22.38 -1.97
CA GLN A 42 11.71 21.04 -1.39
C GLN A 42 11.33 21.05 0.09
N LEU A 43 11.90 22.01 0.84
CA LEU A 43 11.63 22.16 2.26
C LEU A 43 10.19 22.60 2.51
N ALA A 44 9.73 23.60 1.75
CA ALA A 44 8.38 24.11 1.86
C ALA A 44 7.37 23.00 1.65
N LEU A 45 7.69 22.11 0.72
CA LEU A 45 6.85 20.99 0.35
C LEU A 45 6.80 19.95 1.46
N GLU A 46 7.95 19.75 2.12
CA GLU A 46 8.05 18.77 3.20
C GLU A 46 7.41 19.27 4.49
N HIS A 47 7.46 20.58 4.71
CA HIS A 47 6.85 21.19 5.89
C HIS A 47 5.42 21.68 5.63
N GLU A 48 4.96 21.57 4.39
CA GLU A 48 3.65 22.05 3.98
C GLU A 48 2.50 21.33 4.69
N SER A 49 2.74 20.81 5.89
CA SER A 49 1.81 19.79 6.36
C SER A 49 1.05 19.69 7.70
N TYR A 50 1.27 20.41 8.81
CA TYR A 50 2.06 21.61 9.15
C TYR A 50 1.80 23.02 8.68
N GLU A 51 2.34 23.45 7.54
CA GLU A 51 2.01 24.80 7.09
C GLU A 51 0.49 24.95 6.96
N MET A 52 -0.14 23.97 6.30
CA MET A 52 -1.58 23.96 6.14
C MET A 52 -2.30 23.68 7.45
N GLY A 53 -1.72 22.82 8.29
CA GLY A 53 -2.29 22.52 9.61
C GLY A 53 -2.44 23.79 10.42
N GLU A 54 -1.43 24.65 10.33
CA GLU A 54 -1.42 25.96 10.99
C GLU A 54 -2.37 26.93 10.31
N ALA A 55 -2.47 26.85 8.98
CA ALA A 55 -3.34 27.72 8.20
C ALA A 55 -4.81 27.43 8.45
N ARG A 56 -5.17 26.14 8.49
CA ARG A 56 -6.54 25.71 8.77
C ARG A 56 -6.97 26.17 10.16
N PHE A 57 -6.00 26.33 11.06
CA PHE A 57 -6.23 26.80 12.41
C PHE A 57 -6.66 28.27 12.42
N ARG A 58 -6.07 29.07 11.52
CA ARG A 58 -6.43 30.46 11.37
C ARG A 58 -7.57 30.55 10.35
N LYS A 59 -8.79 30.25 10.79
CA LYS A 59 -9.92 30.20 9.86
C LYS A 59 -11.33 30.70 10.31
N MET A 60 -11.90 30.34 11.47
CA MET A 60 -11.41 29.50 12.58
C MET A 60 -10.49 30.24 13.56
N PHE A 61 -10.35 31.55 13.35
CA PHE A 61 -9.58 32.41 14.23
C PHE A 61 -10.24 33.79 14.26
N GLU A 62 -10.40 34.40 13.09
CA GLU A 62 -11.08 35.70 12.97
C GLU A 62 -12.52 35.51 12.49
N ARG A 63 -12.68 34.71 11.42
CA ARG A 63 -13.98 34.43 10.82
C ARG A 63 -14.73 33.38 11.65
N LEU A 79 -13.42 34.37 19.72
CA LEU A 79 -13.36 33.76 21.05
C LEU A 79 -12.00 33.12 21.30
N ILE A 80 -11.22 32.94 20.23
CA ILE A 80 -9.91 32.28 20.30
C ILE A 80 -8.91 33.01 21.21
N THR A 81 -9.00 34.34 21.24
CA THR A 81 -8.12 35.18 22.06
C THR A 81 -8.49 35.13 23.54
N THR A 82 -9.49 34.31 23.87
CA THR A 82 -9.97 34.15 25.23
C THR A 82 -9.72 32.72 25.74
N LEU A 83 -9.67 31.77 24.80
CA LEU A 83 -9.42 30.36 25.12
C LEU A 83 -7.97 30.08 25.50
N LEU A 84 -7.04 30.61 24.72
CA LEU A 84 -5.61 30.39 24.92
C LEU A 84 -5.08 30.92 26.27
N PRO A 85 -5.42 32.17 26.65
CA PRO A 85 -4.94 32.65 27.96
C PRO A 85 -5.49 31.81 29.12
N LYS A 86 -6.76 31.43 29.05
CA LYS A 86 -7.40 30.59 30.08
C LYS A 86 -6.73 29.24 30.22
N MET A 87 -6.37 28.64 29.09
CA MET A 87 -5.74 27.32 29.05
C MET A 87 -4.33 27.34 29.66
N ILE A 88 -3.51 28.32 29.24
CA ILE A 88 -2.14 28.46 29.73
C ILE A 88 -2.11 28.61 31.26
N ALA A 89 -3.04 29.40 31.79
CA ALA A 89 -3.16 29.61 33.22
C ALA A 89 -3.44 28.30 33.97
N ARG A 90 -4.35 27.50 33.43
CA ARG A 90 -4.72 26.22 34.03
C ARG A 90 -3.55 25.23 34.05
N ILE A 91 -2.77 25.21 32.97
CA ILE A 91 -1.61 24.31 32.86
C ILE A 91 -0.59 24.62 33.96
N ASN A 92 -0.29 25.90 34.17
CA ASN A 92 0.66 26.32 35.20
C ASN A 92 0.19 26.04 36.61
N ASP A 93 -1.12 26.17 36.84
CA ASP A 93 -1.73 25.86 38.14
C ASP A 93 -1.66 24.37 38.41
N TRP A 94 -1.91 23.58 37.37
CA TRP A 94 -1.88 22.13 37.48
C TRP A 94 -0.49 21.62 37.82
N PHE A 95 0.55 22.27 37.30
CA PHE A 95 1.92 21.90 37.62
C PHE A 95 2.24 22.20 39.09
N GLU A 96 1.75 23.34 39.57
CA GLU A 96 1.94 23.76 40.96
C GLU A 96 1.26 22.79 41.94
N GLU A 97 0.10 22.27 41.53
CA GLU A 97 -0.67 21.31 42.32
C GLU A 97 0.06 19.97 42.42
N VAL A 98 0.53 19.47 41.27
CA VAL A 98 1.24 18.19 41.19
C VAL A 98 2.55 18.21 41.98
N LYS A 99 3.30 19.30 41.87
CA LYS A 99 4.58 19.46 42.56
C LYS A 99 4.42 19.50 44.08
N ALA A 100 3.31 20.05 44.56
CA ALA A 100 3.03 20.14 45.99
C ALA A 100 2.66 18.79 46.60
N LYS A 101 1.96 17.95 45.83
CA LYS A 101 1.56 16.61 46.28
C LYS A 101 2.74 15.64 46.38
N ARG A 102 2.58 14.61 47.20
CA ARG A 102 3.58 13.57 47.36
C ARG A 102 3.15 12.32 46.58
N GLY A 103 4.03 11.33 46.53
CA GLY A 103 3.75 10.08 45.84
C GLY A 103 3.89 10.20 44.33
N LYS A 104 3.45 9.16 43.63
CA LYS A 104 3.55 9.11 42.17
C LYS A 104 2.83 10.26 41.50
N ARG A 105 3.58 11.05 40.74
CA ARG A 105 3.05 12.16 39.97
C ARG A 105 2.36 11.60 38.73
N PRO A 106 1.27 12.25 38.27
CA PRO A 106 0.53 11.78 37.09
C PRO A 106 1.46 11.45 35.92
N THR A 107 1.11 10.41 35.17
CA THR A 107 1.91 9.95 34.03
C THR A 107 2.15 11.06 33.00
N ALA A 108 1.11 11.82 32.68
CA ALA A 108 1.20 12.88 31.69
C ALA A 108 2.08 14.07 32.09
N PHE A 109 2.28 14.25 33.39
CA PHE A 109 3.06 15.37 33.94
C PHE A 109 4.46 15.56 33.33
N GLN A 110 5.34 14.59 33.52
CA GLN A 110 6.72 14.70 33.03
C GLN A 110 6.81 14.87 31.53
N PHE A 111 5.91 14.23 30.80
CA PHE A 111 5.88 14.34 29.35
C PHE A 111 5.39 15.72 28.91
N LEU A 112 4.59 16.36 29.77
CA LEU A 112 4.08 17.71 29.49
C LEU A 112 4.99 18.84 29.96
N GLN A 113 6.13 18.48 30.55
CA GLN A 113 7.08 19.48 31.01
C GLN A 113 8.24 19.60 30.02
N GLU A 114 8.15 18.83 28.94
CA GLU A 114 9.17 18.85 27.88
C GLU A 114 9.01 20.07 26.98
N ILE A 115 7.80 20.63 26.95
CA ILE A 115 7.48 21.80 26.13
C ILE A 115 6.97 22.94 27.00
N LYS A 116 7.29 24.17 26.58
CA LYS A 116 6.80 25.38 27.22
C LYS A 116 5.27 25.33 27.31
N PRO A 117 4.71 25.56 28.51
CA PRO A 117 3.27 25.50 28.77
C PRO A 117 2.42 26.27 27.76
N GLU A 118 2.90 27.43 27.31
CA GLU A 118 2.22 28.24 26.30
C GLU A 118 1.95 27.43 25.04
N ALA A 119 2.97 26.71 24.57
CA ALA A 119 2.86 25.89 23.36
C ALA A 119 1.98 24.67 23.58
N VAL A 120 2.06 24.08 24.78
CA VAL A 120 1.24 22.92 25.16
C VAL A 120 -0.24 23.26 25.00
N ALA A 121 -0.61 24.48 25.38
CA ALA A 121 -1.97 24.97 25.25
C ALA A 121 -2.38 25.08 23.79
N TYR A 122 -1.55 25.78 23.02
CA TYR A 122 -1.79 26.02 21.59
C TYR A 122 -2.17 24.72 20.88
N ILE A 123 -1.29 23.74 20.97
CA ILE A 123 -1.45 22.43 20.34
C ILE A 123 -2.79 21.77 20.68
N THR A 124 -3.14 21.77 21.97
CA THR A 124 -4.39 21.17 22.43
C THR A 124 -5.60 21.74 21.70
N ILE A 125 -5.69 23.07 21.63
CA ILE A 125 -6.78 23.74 20.93
C ILE A 125 -6.75 23.37 19.46
N LYS A 126 -5.57 23.49 18.86
CA LYS A 126 -5.35 23.23 17.43
C LYS A 126 -5.77 21.82 17.03
N THR A 127 -5.28 20.83 17.78
CA THR A 127 -5.55 19.42 17.50
C THR A 127 -7.01 19.07 17.72
N THR A 128 -7.59 19.56 18.82
CA THR A 128 -9.00 19.31 19.15
C THR A 128 -9.92 19.85 18.06
N LEU A 129 -9.60 21.03 17.54
CA LEU A 129 -10.38 21.63 16.45
C LEU A 129 -10.26 20.86 15.14
N ALA A 130 -9.09 20.29 14.88
CA ALA A 130 -8.85 19.50 13.67
C ALA A 130 -9.60 18.18 13.72
N CYS A 131 -9.69 17.60 14.91
CA CYS A 131 -10.36 16.32 15.14
C CYS A 131 -11.88 16.41 15.00
N LEU A 132 -12.45 17.56 15.35
CA LEU A 132 -13.90 17.73 15.38
C LEU A 132 -14.52 18.31 14.11
N THR A 133 -13.72 19.01 13.31
CA THR A 133 -14.23 19.62 12.07
C THR A 133 -14.37 18.61 10.95
N SER A 134 -13.28 17.90 10.65
CA SER A 134 -13.23 16.92 9.56
C SER A 134 -14.02 15.64 9.87
N ALA A 135 -13.96 15.20 11.13
CA ALA A 135 -14.65 13.98 11.55
C ALA A 135 -15.93 14.27 12.33
N ASP A 136 -16.98 13.48 12.08
CA ASP A 136 -18.26 13.64 12.75
C ASP A 136 -18.51 12.57 13.82
N ASN A 137 -17.85 12.74 14.97
CA ASN A 137 -18.05 11.86 16.12
C ASN A 137 -17.87 12.64 17.44
N THR A 138 -16.69 12.64 18.08
CA THR A 138 -15.49 11.88 17.73
C THR A 138 -15.00 11.20 19.01
N THR A 139 -14.51 9.97 18.90
CA THR A 139 -14.04 9.20 20.06
C THR A 139 -12.93 9.90 20.85
N VAL A 140 -12.98 9.73 22.18
CA VAL A 140 -12.01 10.36 23.08
C VAL A 140 -10.59 9.81 22.88
N GLN A 141 -10.48 8.49 22.79
CA GLN A 141 -9.17 7.84 22.62
C GLN A 141 -8.53 8.15 21.27
N ALA A 142 -9.29 8.77 20.36
CA ALA A 142 -8.76 9.22 19.09
C ALA A 142 -8.16 10.61 19.26
N VAL A 143 -8.93 11.53 19.84
CA VAL A 143 -8.48 12.91 20.07
C VAL A 143 -7.29 12.93 21.01
N ALA A 144 -7.42 12.22 22.14
CA ALA A 144 -6.37 12.13 23.13
C ALA A 144 -5.08 11.62 22.49
N SER A 145 -5.20 10.63 21.61
CA SER A 145 -4.05 10.07 20.90
C SER A 145 -3.44 11.08 19.94
N ALA A 146 -4.31 11.83 19.25
CA ALA A 146 -3.89 12.84 18.28
C ALA A 146 -3.09 13.97 18.94
N ILE A 147 -3.58 14.43 20.09
CA ILE A 147 -2.91 15.48 20.88
C ILE A 147 -1.56 14.96 21.37
N GLY A 148 -1.54 13.73 21.88
CA GLY A 148 -0.32 13.09 22.37
C GLY A 148 0.81 13.09 21.36
N ARG A 149 0.51 12.64 20.14
CA ARG A 149 1.46 12.60 19.03
C ARG A 149 1.93 13.98 18.62
N ALA A 150 0.99 14.94 18.65
CA ALA A 150 1.28 16.33 18.29
C ALA A 150 2.23 17.00 19.29
N ILE A 151 2.21 16.51 20.54
CA ILE A 151 3.09 17.04 21.58
C ILE A 151 4.53 16.55 21.39
N GLU A 152 4.70 15.23 21.24
CA GLU A 152 6.02 14.64 21.08
C GLU A 152 6.76 15.21 19.88
N ASP A 153 6.06 15.32 18.76
CA ASP A 153 6.65 15.82 17.53
C ASP A 153 7.06 17.28 17.66
N GLU A 154 6.37 18.01 18.52
CA GLU A 154 6.73 19.39 18.80
C GLU A 154 7.97 19.42 19.70
N ALA A 155 8.01 18.49 20.66
CA ALA A 155 9.12 18.39 21.61
C ALA A 155 10.48 18.20 20.94
N ARG A 156 10.52 17.41 19.87
CA ARG A 156 11.79 17.07 19.24
C ARG A 156 12.00 17.58 17.82
N PHE A 157 10.97 18.19 17.22
CA PHE A 157 11.10 18.75 15.89
C PHE A 157 10.62 20.19 15.79
N GLY A 158 10.02 20.69 16.87
CA GLY A 158 9.48 22.06 16.93
C GLY A 158 10.49 23.15 16.60
N ARG A 159 11.60 23.17 17.34
CA ARG A 159 12.64 24.19 17.15
C ARG A 159 13.32 24.06 15.79
N ILE A 160 13.71 22.84 15.43
CA ILE A 160 14.36 22.59 14.14
C ILE A 160 13.43 22.93 12.98
N ARG A 161 12.13 22.72 13.18
CA ARG A 161 11.10 23.09 12.19
C ARG A 161 11.00 24.62 12.03
N ASP A 162 10.90 25.32 13.15
CA ASP A 162 10.84 26.79 13.16
C ASP A 162 12.05 27.38 12.44
N LEU A 163 13.23 26.87 12.78
CA LEU A 163 14.50 27.34 12.20
C LEU A 163 14.63 27.02 10.72
N GLU A 164 14.13 25.85 10.32
CA GLU A 164 14.20 25.41 8.94
C GLU A 164 13.18 26.16 8.09
N ALA A 165 12.07 26.55 8.72
CA ALA A 165 10.99 27.29 8.06
C ALA A 165 11.45 28.63 7.50
N LYS A 166 12.39 29.27 8.20
CA LYS A 166 12.94 30.55 7.80
C LYS A 166 13.44 30.58 6.35
N HIS A 167 13.96 29.45 5.89
CA HIS A 167 14.54 29.32 4.55
C HIS A 167 13.57 29.59 3.39
N PHE A 168 12.38 29.01 3.45
CA PHE A 168 11.42 29.17 2.36
C PHE A 168 10.44 30.33 2.52
N LYS A 169 10.41 30.96 3.68
CA LYS A 169 9.49 32.08 3.92
C LYS A 169 10.15 33.46 3.79
N LYS A 170 11.34 33.50 3.18
CA LYS A 170 12.03 34.76 2.95
C LYS A 170 11.51 35.50 1.71
N ASN A 171 12.10 35.22 0.55
CA ASN A 171 11.70 35.87 -0.70
C ASN A 171 11.25 34.90 -1.80
N VAL A 172 9.97 34.55 -1.82
CA VAL A 172 8.98 35.03 -0.85
C VAL A 172 8.40 33.88 -0.02
N TYR A 184 19.51 27.81 -16.01
CA TYR A 184 18.30 27.88 -15.21
C TYR A 184 18.18 26.70 -14.23
N LYS A 185 18.65 25.52 -14.65
CA LYS A 185 18.58 24.33 -13.80
C LYS A 185 19.84 23.45 -13.79
N LYS A 186 19.83 22.42 -14.64
CA LYS A 186 20.84 21.35 -14.72
C LYS A 186 22.32 21.72 -14.53
N ALA A 187 23.16 20.76 -14.15
CA ALA A 187 22.79 19.36 -13.94
C ALA A 187 22.16 19.11 -12.56
N PHE A 188 20.83 19.06 -12.54
CA PHE A 188 20.10 18.92 -11.29
C PHE A 188 19.56 17.52 -11.05
N MET A 189 19.44 16.71 -12.10
CA MET A 189 18.98 15.33 -11.92
C MET A 189 20.12 14.37 -11.57
N GLN A 190 21.22 14.95 -11.11
CA GLN A 190 22.38 14.21 -10.64
C GLN A 190 22.21 13.98 -9.14
N VAL A 191 22.43 12.75 -8.69
CA VAL A 191 22.31 12.42 -7.27
C VAL A 191 23.55 12.86 -6.49
N VAL A 192 23.33 13.34 -5.26
CA VAL A 192 24.42 13.75 -4.38
C VAL A 192 25.22 12.50 -4.00
N GLU A 193 26.54 12.63 -3.90
CA GLU A 193 27.39 11.51 -3.54
C GLU A 193 27.26 11.25 -2.03
N ALA A 194 27.14 9.96 -1.68
CA ALA A 194 26.96 9.54 -0.29
C ALA A 194 28.12 9.98 0.60
N ASP A 195 29.34 9.86 0.09
CA ASP A 195 30.53 10.25 0.85
C ASP A 195 30.65 11.76 1.06
N MET A 196 29.86 12.52 0.31
CA MET A 196 29.86 13.98 0.42
C MET A 196 28.74 14.50 1.33
N LEU A 197 27.86 13.60 1.76
CA LEU A 197 26.76 13.94 2.65
C LEU A 197 27.26 14.25 4.05
N SER A 198 26.87 15.41 4.57
CA SER A 198 27.24 15.84 5.90
C SER A 198 26.59 14.93 6.94
N LYS A 199 27.31 14.66 8.03
CA LYS A 199 26.81 13.78 9.09
C LYS A 199 25.51 14.26 9.73
N GLY A 200 25.17 15.52 9.48
CA GLY A 200 23.92 16.12 9.97
C GLY A 200 22.74 15.77 9.08
N LEU A 201 22.92 14.76 8.23
CA LEU A 201 21.90 14.29 7.32
C LEU A 201 21.78 12.78 7.37
N LEU A 202 22.76 12.12 7.97
CA LEU A 202 22.86 10.68 7.97
C LEU A 202 21.85 9.94 8.86
N GLY A 203 21.92 10.19 10.17
CA GLY A 203 21.10 9.46 11.13
C GLY A 203 19.64 9.87 11.22
N GLY A 204 19.11 9.81 12.42
CA GLY A 204 17.75 10.19 12.69
C GLY A 204 16.95 9.08 13.34
N GLU A 205 16.22 9.44 14.39
CA GLU A 205 15.34 8.51 15.08
C GLU A 205 14.00 8.53 14.34
N ALA A 206 13.64 7.39 13.74
CA ALA A 206 12.40 7.28 12.96
C ALA A 206 11.20 6.86 13.79
N TRP A 207 11.48 6.26 14.96
CA TRP A 207 10.43 5.78 15.85
C TRP A 207 10.21 6.68 17.06
N SER A 208 8.94 6.83 17.44
CA SER A 208 8.54 7.56 18.63
C SER A 208 8.96 6.77 19.86
N SER A 209 9.58 7.44 20.82
CA SER A 209 10.02 6.79 22.06
C SER A 209 8.85 6.60 23.01
N TRP A 210 7.86 7.49 22.90
CA TRP A 210 6.64 7.45 23.71
C TRP A 210 5.82 6.19 23.48
N HIS A 211 5.31 5.63 24.58
CA HIS A 211 4.38 4.51 24.51
C HIS A 211 3.01 5.03 24.10
N LYS A 212 2.19 4.19 23.51
CA LYS A 212 0.83 4.55 23.11
C LYS A 212 0.03 4.94 24.35
N GLU A 213 0.23 4.18 25.43
CA GLU A 213 -0.40 4.44 26.73
C GLU A 213 -0.01 5.83 27.21
N ASP A 214 1.31 6.06 27.27
CA ASP A 214 1.85 7.35 27.67
C ASP A 214 1.32 8.49 26.79
N SER A 215 1.11 8.21 25.51
CA SER A 215 0.62 9.20 24.56
C SER A 215 -0.83 9.59 24.85
N ILE A 216 -1.66 8.61 25.23
CA ILE A 216 -3.06 8.88 25.58
C ILE A 216 -3.16 9.70 26.87
N HIS A 217 -2.42 9.29 27.90
CA HIS A 217 -2.37 10.01 29.17
C HIS A 217 -2.25 11.52 28.93
N VAL A 218 -1.30 11.89 28.07
CA VAL A 218 -1.04 13.29 27.73
C VAL A 218 -2.27 13.97 27.14
N GLY A 219 -2.88 13.33 26.15
CA GLY A 219 -4.06 13.87 25.48
C GLY A 219 -5.26 14.03 26.39
N VAL A 220 -5.54 13.01 27.18
CA VAL A 220 -6.66 13.02 28.13
C VAL A 220 -6.52 14.17 29.13
N ARG A 221 -5.36 14.27 29.75
CA ARG A 221 -5.08 15.32 30.73
C ARG A 221 -5.09 16.72 30.11
N CYS A 222 -4.77 16.80 28.82
CA CYS A 222 -4.84 18.07 28.10
C CYS A 222 -6.30 18.44 27.84
N ILE A 223 -7.12 17.42 27.57
CA ILE A 223 -8.55 17.62 27.38
C ILE A 223 -9.19 17.95 28.74
N GLU A 224 -8.71 17.29 29.79
CA GLU A 224 -9.18 17.51 31.15
C GLU A 224 -8.99 18.97 31.55
N MET A 225 -7.85 19.54 31.17
CA MET A 225 -7.52 20.95 31.45
C MET A 225 -8.20 21.91 30.47
N LEU A 226 -8.72 21.38 29.37
CA LEU A 226 -9.43 22.18 28.37
C LEU A 226 -10.92 22.32 28.72
N ILE A 227 -11.36 21.51 29.70
CA ILE A 227 -12.72 21.59 30.21
C ILE A 227 -12.68 22.06 31.67
N GLU A 228 -12.80 23.37 31.86
CA GLU A 228 -12.76 23.98 33.21
C GLU A 228 -13.18 25.47 33.31
N SER A 229 -12.55 26.44 32.64
CA SER A 229 -11.38 26.38 31.70
C SER A 229 -11.39 25.28 30.64
N THR A 230 -12.15 25.47 29.55
CA THR A 230 -12.93 26.69 29.29
C THR A 230 -14.38 26.66 29.85
N GLY A 231 -15.16 25.61 29.61
CA GLY A 231 -14.79 24.42 28.84
C GLY A 231 -15.22 24.53 27.39
N MET A 232 -14.27 24.33 26.50
CA MET A 232 -14.49 24.43 25.07
C MET A 232 -15.30 23.24 24.53
N VAL A 233 -14.92 22.04 24.96
CA VAL A 233 -15.57 20.81 24.51
C VAL A 233 -16.16 20.01 25.68
N SER A 234 -17.26 19.30 25.43
CA SER A 234 -17.88 18.46 26.47
C SER A 234 -17.66 16.98 26.19
N LEU A 235 -17.67 16.18 27.25
CA LEU A 235 -17.48 14.74 27.13
C LEU A 235 -18.81 14.03 27.37
N HIS A 236 -19.47 13.67 26.27
CA HIS A 236 -20.77 13.01 26.34
C HIS A 236 -20.64 11.51 26.10
N ARG A 237 -21.19 10.73 27.03
CA ARG A 237 -21.14 9.28 26.97
C ARG A 237 -22.23 8.74 26.04
N GLN A 238 -21.87 7.76 25.20
CA GLN A 238 -22.79 7.21 24.22
C GLN A 238 -23.06 5.71 24.39
N ASN A 239 -24.29 5.30 24.08
CA ASN A 239 -24.72 3.89 24.11
C ASN A 239 -24.36 3.11 25.38
N ALA A 240 -24.49 3.76 26.53
CA ALA A 240 -24.15 3.16 27.82
C ALA A 240 -24.89 1.84 28.04
N GLY A 241 -24.16 0.74 28.01
CA GLY A 241 -24.74 -0.58 28.24
C GLY A 241 -24.50 -1.60 27.14
N VAL A 242 -24.39 -1.11 25.90
CA VAL A 242 -24.16 -1.99 24.75
C VAL A 242 -22.68 -2.37 24.68
N VAL A 243 -22.42 -3.67 24.67
CA VAL A 243 -21.05 -4.22 24.66
C VAL A 243 -20.28 -3.85 23.38
N GLY A 244 -21.00 -3.68 22.27
CA GLY A 244 -20.38 -3.34 21.00
C GLY A 244 -20.43 -1.88 20.59
N GLN A 245 -21.37 -1.13 21.16
CA GLN A 245 -21.58 0.27 20.76
C GLN A 245 -21.25 1.33 21.81
N ASP A 246 -21.05 0.91 23.06
CA ASP A 246 -20.72 1.84 24.15
C ASP A 246 -19.37 2.50 23.92
N SER A 247 -19.36 3.84 23.96
CA SER A 247 -18.14 4.61 23.79
C SER A 247 -18.20 5.96 24.49
N GLU A 248 -17.04 6.61 24.60
CA GLU A 248 -16.93 7.93 25.20
C GLU A 248 -16.50 8.89 24.10
N THR A 249 -17.39 9.80 23.72
CA THR A 249 -17.12 10.73 22.63
C THR A 249 -17.01 12.20 23.07
N ILE A 250 -16.06 12.91 22.46
CA ILE A 250 -15.87 14.34 22.69
C ILE A 250 -16.80 15.13 21.77
N GLU A 251 -17.62 15.97 22.38
CA GLU A 251 -18.57 16.80 21.65
C GLU A 251 -18.12 18.26 21.76
N LEU A 252 -18.22 18.98 20.65
CA LEU A 252 -17.88 20.41 20.65
C LEU A 252 -19.10 21.22 21.09
N ALA A 253 -18.92 22.07 22.09
CA ALA A 253 -20.01 22.89 22.67
C ALA A 253 -20.74 23.74 21.62
N PRO A 254 -22.08 23.82 21.72
CA PRO A 254 -22.94 24.55 20.78
C PRO A 254 -22.50 25.99 20.46
N GLU A 255 -21.94 26.69 21.45
CA GLU A 255 -21.49 28.08 21.30
C GLU A 255 -20.40 28.23 20.24
N TYR A 256 -19.50 27.26 20.17
CA TYR A 256 -18.40 27.28 19.22
C TYR A 256 -18.80 26.68 17.87
N ALA A 257 -19.70 25.70 17.90
CA ALA A 257 -20.18 25.01 16.70
C ALA A 257 -20.90 25.93 15.72
N GLU A 258 -21.69 26.87 16.26
CA GLU A 258 -22.42 27.82 15.44
C GLU A 258 -21.56 29.04 15.10
N ALA A 259 -20.30 29.00 15.55
CA ALA A 259 -19.35 30.08 15.29
C ALA A 259 -18.12 29.59 14.51
N ILE A 260 -18.30 28.52 13.73
CA ILE A 260 -17.22 27.94 12.92
C ILE A 260 -16.89 28.77 11.67
N ILE A 270 -3.50 13.58 1.14
CA ILE A 270 -4.84 14.09 1.41
C ILE A 270 -4.96 15.15 2.55
N SER A 271 -4.04 15.24 3.54
CA SER A 271 -2.81 14.46 3.81
C SER A 271 -1.56 14.74 2.94
N LEU A 272 -0.99 15.94 3.12
CA LEU A 272 0.18 16.39 2.36
C LEU A 272 1.54 15.93 2.92
N MET A 273 1.51 14.98 3.86
CA MET A 273 2.74 14.47 4.49
C MET A 273 3.79 13.89 3.54
N PHE A 274 3.35 13.06 2.61
CA PHE A 274 4.28 12.40 1.71
C PHE A 274 3.94 12.72 0.26
N GLN A 275 4.66 13.72 -0.26
CA GLN A 275 4.50 14.22 -1.62
C GLN A 275 5.76 13.89 -2.41
N PRO A 276 5.73 14.09 -3.75
CA PRO A 276 6.93 13.84 -4.55
C PRO A 276 8.06 14.83 -4.26
N CYS A 277 9.25 14.52 -4.75
CA CYS A 277 10.41 15.39 -4.62
C CYS A 277 10.69 16.16 -5.90
N VAL A 278 11.14 17.40 -5.73
CA VAL A 278 11.49 18.28 -6.83
C VAL A 278 12.97 18.13 -7.16
N VAL A 279 13.72 17.54 -6.23
CA VAL A 279 15.14 17.25 -6.40
C VAL A 279 15.37 15.75 -6.15
N PRO A 280 16.46 15.18 -6.72
CA PRO A 280 16.78 13.77 -6.44
C PRO A 280 16.87 13.49 -4.94
N PRO A 281 16.21 12.42 -4.47
CA PRO A 281 16.14 12.07 -3.04
C PRO A 281 17.50 11.73 -2.45
N LYS A 282 17.64 11.90 -1.13
CA LYS A 282 18.88 11.59 -0.44
C LYS A 282 19.14 10.08 -0.47
N PRO A 283 20.37 9.69 -0.84
CA PRO A 283 20.72 8.27 -0.89
C PRO A 283 20.63 7.60 0.47
N TRP A 284 20.14 6.37 0.48
CA TRP A 284 20.08 5.59 1.70
C TRP A 284 21.49 5.16 2.07
N THR A 285 21.92 5.53 3.27
CA THR A 285 23.26 5.23 3.76
C THR A 285 23.15 4.24 4.91
N GLY A 286 22.06 4.36 5.67
CA GLY A 286 21.80 3.51 6.82
C GLY A 286 20.32 3.21 6.94
N ILE A 287 19.94 2.67 8.09
CA ILE A 287 18.54 2.29 8.33
C ILE A 287 17.54 3.45 8.27
N THR A 288 18.00 4.67 8.56
CA THR A 288 17.12 5.85 8.52
C THR A 288 17.73 7.04 7.78
N GLY A 289 16.91 8.06 7.53
CA GLY A 289 17.38 9.32 6.95
C GLY A 289 17.36 9.44 5.43
N GLY A 290 17.11 8.35 4.73
CA GLY A 290 17.07 8.37 3.26
C GLY A 290 15.78 8.95 2.72
N GLY A 291 15.76 9.20 1.41
CA GLY A 291 14.59 9.75 0.75
C GLY A 291 14.47 11.26 0.85
N TYR A 292 13.72 11.73 1.85
CA TYR A 292 13.49 13.16 2.03
C TYR A 292 14.68 13.91 2.62
N TRP A 293 14.59 15.24 2.68
CA TRP A 293 15.70 16.09 3.09
C TRP A 293 15.52 16.90 4.39
N ALA A 294 14.30 17.37 4.65
CA ALA A 294 14.03 18.21 5.82
C ALA A 294 14.39 17.52 7.14
N ASN A 295 14.90 18.31 8.08
CA ASN A 295 15.28 17.80 9.40
C ASN A 295 14.30 18.14 10.51
N GLY A 296 13.20 18.79 10.16
CA GLY A 296 12.18 19.17 11.13
C GLY A 296 10.87 18.43 10.90
N ARG A 297 10.96 17.11 10.73
CA ARG A 297 9.77 16.31 10.46
C ARG A 297 9.73 14.90 11.06
N ARG A 298 10.86 14.19 10.97
CA ARG A 298 11.01 12.78 11.38
C ARG A 298 11.39 11.96 10.17
N PRO A 299 12.58 11.32 10.21
CA PRO A 299 13.11 10.57 9.08
C PRO A 299 12.32 9.31 8.76
N LEU A 300 12.58 8.75 7.59
CA LEU A 300 11.94 7.52 7.15
C LEU A 300 12.82 6.34 7.50
N ALA A 301 12.19 5.22 7.83
CA ALA A 301 12.91 3.98 8.05
C ALA A 301 13.05 3.25 6.71
N LEU A 302 14.20 2.62 6.49
CA LEU A 302 14.44 1.87 5.26
C LEU A 302 13.46 0.72 5.13
N VAL A 303 13.24 0.05 6.26
CA VAL A 303 12.34 -1.08 6.35
C VAL A 303 11.19 -0.69 7.27
N ARG A 304 9.96 -0.86 6.79
CA ARG A 304 8.77 -0.55 7.59
C ARG A 304 8.45 -1.73 8.48
N THR A 305 8.73 -1.58 9.78
CA THR A 305 8.55 -2.66 10.75
C THR A 305 7.42 -2.36 11.73
N HIS A 306 7.11 -3.33 12.59
CA HIS A 306 6.03 -3.19 13.56
C HIS A 306 6.51 -2.60 14.91
N SER A 307 7.82 -2.45 15.04
CA SER A 307 8.43 -1.89 16.25
C SER A 307 9.80 -1.31 15.91
N LYS A 308 10.32 -0.50 16.82
CA LYS A 308 11.66 0.08 16.68
C LYS A 308 12.71 -1.04 16.70
N LYS A 309 12.53 -2.01 17.60
CA LYS A 309 13.46 -3.13 17.74
C LYS A 309 13.65 -3.88 16.42
N ALA A 310 12.55 -4.18 15.73
CA ALA A 310 12.59 -4.89 14.45
C ALA A 310 13.43 -4.17 13.41
N LEU A 311 13.41 -2.84 13.45
CA LEU A 311 14.21 -2.02 12.56
C LEU A 311 15.67 -2.02 13.02
N MET A 312 15.88 -2.04 14.33
CA MET A 312 17.24 -2.02 14.89
C MET A 312 18.05 -3.26 14.53
N ARG A 313 17.37 -4.32 14.11
CA ARG A 313 18.04 -5.55 13.67
C ARG A 313 18.76 -5.36 12.34
N TYR A 314 18.54 -4.21 11.71
CA TYR A 314 19.15 -3.88 10.43
C TYR A 314 20.32 -2.90 10.59
N GLU A 315 20.44 -2.27 11.76
CA GLU A 315 21.44 -1.22 12.02
C GLU A 315 22.86 -1.54 11.52
N ASP A 316 23.37 -2.70 11.93
CA ASP A 316 24.69 -3.14 11.51
C ASP A 316 24.59 -4.50 10.84
N VAL A 317 24.21 -4.49 9.57
CA VAL A 317 24.06 -5.72 8.80
C VAL A 317 25.07 -5.83 7.66
N TYR A 318 25.17 -4.76 6.87
CA TYR A 318 25.99 -4.71 5.66
C TYR A 318 25.31 -5.50 4.54
N MET A 319 24.48 -4.78 3.79
CA MET A 319 23.72 -5.33 2.68
C MET A 319 23.85 -4.39 1.46
N PRO A 320 25.07 -4.27 0.89
CA PRO A 320 25.34 -3.32 -0.19
C PRO A 320 24.38 -3.39 -1.37
N GLU A 321 24.10 -4.60 -1.86
CA GLU A 321 23.22 -4.80 -3.02
C GLU A 321 21.79 -4.29 -2.77
N VAL A 322 21.35 -4.34 -1.52
CA VAL A 322 20.04 -3.88 -1.13
C VAL A 322 19.95 -2.36 -1.19
N TYR A 323 20.92 -1.68 -0.57
CA TYR A 323 20.99 -0.21 -0.58
C TYR A 323 21.11 0.31 -2.00
N LYS A 324 21.94 -0.38 -2.79
CA LYS A 324 22.20 0.00 -4.17
C LYS A 324 20.92 -0.01 -4.99
N ALA A 325 20.16 -1.10 -4.90
CA ALA A 325 18.91 -1.25 -5.65
C ALA A 325 17.90 -0.15 -5.33
N ILE A 326 17.65 0.08 -4.04
CA ILE A 326 16.72 1.12 -3.58
C ILE A 326 17.15 2.48 -4.10
N ASN A 327 18.42 2.81 -3.96
CA ASN A 327 18.96 4.09 -4.40
C ASN A 327 18.80 4.35 -5.90
N ILE A 328 19.02 3.32 -6.71
CA ILE A 328 18.87 3.44 -8.17
C ILE A 328 17.40 3.66 -8.53
N ALA A 329 16.51 2.89 -7.91
CA ALA A 329 15.08 3.00 -8.13
C ALA A 329 14.56 4.37 -7.70
N GLN A 330 15.07 4.81 -6.55
CA GLN A 330 14.73 6.09 -5.96
C GLN A 330 15.08 7.22 -6.90
N ASN A 331 16.26 7.10 -7.51
CA ASN A 331 16.83 8.16 -8.35
C ASN A 331 16.18 8.35 -9.72
N THR A 332 15.22 7.49 -10.07
CA THR A 332 14.52 7.58 -11.36
C THR A 332 13.77 8.91 -11.50
N ALA A 333 14.07 9.65 -12.56
CA ALA A 333 13.44 10.95 -12.80
C ALA A 333 12.14 10.81 -13.57
N TRP A 334 11.06 11.26 -12.96
CA TRP A 334 9.73 11.21 -13.57
C TRP A 334 9.26 12.60 -13.94
N LYS A 335 8.17 12.66 -14.71
CA LYS A 335 7.50 13.92 -15.03
C LYS A 335 6.02 13.68 -15.32
N ILE A 336 5.22 14.74 -15.20
CA ILE A 336 3.79 14.65 -15.45
C ILE A 336 3.52 14.64 -16.95
N ASN A 337 2.68 13.70 -17.38
CA ASN A 337 2.28 13.59 -18.77
C ASN A 337 1.16 14.60 -19.06
N LYS A 338 1.57 15.80 -19.48
CA LYS A 338 0.66 16.92 -19.73
C LYS A 338 -0.57 16.58 -20.57
N LYS A 339 -0.34 15.83 -21.65
CA LYS A 339 -1.41 15.45 -22.57
C LYS A 339 -2.51 14.60 -21.92
N VAL A 340 -2.10 13.65 -21.09
CA VAL A 340 -3.04 12.78 -20.38
C VAL A 340 -3.80 13.57 -19.31
N LEU A 341 -3.08 14.48 -18.65
CA LEU A 341 -3.66 15.34 -17.61
C LEU A 341 -4.71 16.29 -18.20
N ALA A 342 -4.44 16.76 -19.41
CA ALA A 342 -5.36 17.66 -20.12
C ALA A 342 -6.70 16.98 -20.38
N VAL A 343 -6.67 15.67 -20.58
CA VAL A 343 -7.86 14.88 -20.83
C VAL A 343 -8.55 14.52 -19.51
N ALA A 344 -7.77 13.99 -18.58
CA ALA A 344 -8.28 13.56 -17.27
C ALA A 344 -9.02 14.67 -16.52
N ASN A 345 -8.55 15.91 -16.67
CA ASN A 345 -9.19 17.08 -16.03
C ASN A 345 -10.57 17.39 -16.58
N VAL A 346 -10.82 17.00 -17.82
CA VAL A 346 -12.09 17.29 -18.49
C VAL A 346 -13.09 16.15 -18.39
N ILE A 347 -12.65 14.92 -18.66
CA ILE A 347 -13.56 13.77 -18.70
C ILE A 347 -14.13 13.32 -17.36
N THR A 348 -13.31 13.39 -16.31
CA THR A 348 -13.74 12.99 -14.96
C THR A 348 -14.80 13.96 -14.42
N LYS A 349 -15.00 15.05 -15.13
CA LYS A 349 -15.99 16.06 -14.79
C LYS A 349 -17.33 15.78 -15.46
N TRP A 350 -17.36 14.82 -16.38
CA TRP A 350 -18.59 14.50 -17.11
C TRP A 350 -19.56 13.66 -16.30
N LYS A 351 -20.85 13.88 -16.52
CA LYS A 351 -21.91 13.17 -15.81
C LYS A 351 -21.97 11.70 -16.23
N HIS A 352 -21.65 11.43 -17.50
CA HIS A 352 -21.62 10.08 -18.02
C HIS A 352 -20.27 9.83 -18.69
N CYS A 353 -19.26 9.59 -17.86
CA CYS A 353 -17.88 9.40 -18.30
C CYS A 353 -17.67 8.08 -19.06
N PRO A 354 -16.96 8.13 -20.21
CA PRO A 354 -16.69 6.98 -21.06
C PRO A 354 -15.86 5.85 -20.42
N VAL A 355 -15.16 6.14 -19.32
CA VAL A 355 -14.37 5.11 -18.63
C VAL A 355 -15.19 4.45 -17.50
N GLU A 356 -15.07 3.13 -17.41
CA GLU A 356 -15.87 2.31 -16.48
C GLU A 356 -15.54 2.45 -15.00
N ASP A 357 -14.43 3.11 -14.68
CA ASP A 357 -14.01 3.27 -13.28
C ASP A 357 -14.49 4.58 -12.66
N ILE A 358 -14.17 5.70 -13.31
CA ILE A 358 -14.50 7.03 -12.80
C ILE A 358 -15.87 7.10 -12.15
N PRO A 359 -15.90 7.34 -10.83
CA PRO A 359 -17.14 7.44 -10.07
C PRO A 359 -17.74 8.84 -10.05
N ALA A 360 -19.02 8.90 -9.65
CA ALA A 360 -19.76 10.15 -9.53
C ALA A 360 -19.09 11.07 -8.49
N ILE A 361 -19.11 12.42 -8.63
CA ILE A 361 -19.79 13.27 -9.65
C ILE A 361 -21.24 13.63 -9.32
N GLU A 362 -22.00 12.64 -8.84
CA GLU A 362 -23.38 12.83 -8.44
C GLU A 362 -23.63 11.97 -7.19
N ARG A 363 -24.18 12.60 -6.16
CA ARG A 363 -24.44 11.91 -4.88
C ARG A 363 -25.28 10.64 -5.03
N GLU A 364 -26.26 10.68 -5.93
CA GLU A 364 -27.17 9.55 -6.23
C GLU A 364 -28.04 9.14 -5.03
N GLU A 365 -29.26 9.69 -5.01
CA GLU A 365 -30.19 9.54 -3.89
C GLU A 365 -30.78 8.12 -3.68
N LEU A 366 -31.39 7.94 -2.52
CA LEU A 366 -31.99 6.68 -2.11
C LEU A 366 -33.36 6.43 -2.75
N PRO A 367 -33.60 5.19 -3.22
CA PRO A 367 -34.91 4.79 -3.74
C PRO A 367 -35.75 4.09 -2.65
N MET A 368 -37.05 4.32 -2.59
CA MET A 368 -37.82 5.22 -3.46
C MET A 368 -39.13 5.57 -2.72
N LYS A 369 -39.46 4.74 -1.72
CA LYS A 369 -40.67 4.87 -0.90
C LYS A 369 -41.93 4.32 -1.57
N PRO A 370 -42.25 3.03 -1.35
CA PRO A 370 -43.44 2.41 -1.92
C PRO A 370 -44.70 2.79 -1.14
N ASP A 374 -47.15 1.29 0.37
CA ASP A 374 -47.78 0.62 1.50
C ASP A 374 -46.74 0.08 2.49
N MET A 375 -47.09 0.13 3.77
CA MET A 375 -46.23 -0.39 4.83
C MET A 375 -46.78 -1.68 5.42
N ASN A 376 -46.46 -2.80 4.76
CA ASN A 376 -46.89 -4.13 5.20
C ASN A 376 -45.79 -5.19 4.97
N PRO A 377 -45.95 -6.40 5.57
CA PRO A 377 -44.97 -7.49 5.59
C PRO A 377 -43.74 -7.41 4.68
N GLU A 378 -43.82 -7.94 3.47
CA GLU A 378 -42.67 -7.99 2.57
C GLU A 378 -42.47 -6.77 1.65
N ALA A 379 -43.24 -5.71 1.91
CA ALA A 379 -43.07 -4.45 1.20
C ALA A 379 -42.07 -3.59 1.97
N LEU A 380 -41.73 -4.04 3.18
CA LEU A 380 -40.74 -3.40 4.03
C LEU A 380 -39.37 -4.06 3.89
N THR A 381 -39.33 -5.14 3.07
CA THR A 381 -38.09 -5.92 2.83
C THR A 381 -36.80 -5.11 2.57
N ALA A 382 -36.70 -4.27 1.53
CA ALA A 382 -37.71 -4.08 0.48
C ALA A 382 -37.09 -3.88 -0.91
N TRP A 383 -36.45 -2.75 -1.25
CA TRP A 383 -36.22 -1.48 -0.49
C TRP A 383 -35.06 -1.44 0.52
N LYS A 384 -35.26 -1.94 1.73
CA LYS A 384 -34.20 -1.95 2.75
C LYS A 384 -32.91 -2.62 2.26
N ARG A 385 -33.07 -3.55 1.32
CA ARG A 385 -31.95 -4.21 0.66
C ARG A 385 -31.34 -3.27 -0.38
N ALA A 386 -32.21 -2.59 -1.14
CA ALA A 386 -31.78 -1.64 -2.16
C ALA A 386 -31.16 -0.39 -1.54
N ALA A 387 -31.68 0.02 -0.38
CA ALA A 387 -31.16 1.17 0.36
C ALA A 387 -29.77 0.87 0.93
N ALA A 388 -29.64 -0.29 1.58
CA ALA A 388 -28.35 -0.74 2.14
C ALA A 388 -27.32 -0.93 1.04
N ALA A 389 -27.81 -1.15 -0.18
CA ALA A 389 -26.95 -1.28 -1.36
C ALA A 389 -26.45 0.10 -1.78
N VAL A 390 -27.32 1.10 -1.73
CA VAL A 390 -26.98 2.47 -2.09
C VAL A 390 -26.04 3.11 -1.06
N TYR A 391 -26.39 2.96 0.22
CA TYR A 391 -25.53 3.44 1.32
C TYR A 391 -24.12 2.89 1.15
N ARG A 392 -24.04 1.63 0.73
CA ARG A 392 -22.78 0.95 0.47
C ARG A 392 -22.12 1.54 -0.77
N LYS A 393 -22.86 1.60 -1.89
CA LYS A 393 -22.35 2.14 -3.15
C LYS A 393 -21.74 3.52 -2.94
N ASP A 394 -22.52 4.41 -2.34
CA ASP A 394 -22.12 5.80 -2.10
C ASP A 394 -20.82 5.90 -1.28
N LYS A 395 -20.73 5.12 -0.20
CA LYS A 395 -19.53 5.10 0.63
C LYS A 395 -18.30 4.76 -0.21
N ALA A 396 -18.38 3.66 -0.95
CA ALA A 396 -17.30 3.20 -1.82
C ALA A 396 -16.95 4.25 -2.87
N ARG A 397 -18.00 4.88 -3.43
CA ARG A 397 -17.88 5.92 -4.45
C ARG A 397 -17.20 7.19 -3.91
N LYS A 398 -17.58 7.60 -2.69
CA LYS A 398 -16.99 8.79 -2.06
C LYS A 398 -15.48 8.66 -1.85
N SER A 399 -15.04 7.53 -1.29
CA SER A 399 -13.63 7.30 -1.03
C SER A 399 -12.82 7.22 -2.33
N ARG A 400 -13.44 6.65 -3.37
CA ARG A 400 -12.80 6.55 -4.69
C ARG A 400 -12.72 7.91 -5.38
N ARG A 401 -13.70 8.77 -5.12
CA ARG A 401 -13.71 10.12 -5.70
C ARG A 401 -12.64 11.00 -5.07
N ILE A 402 -12.56 10.97 -3.73
CA ILE A 402 -11.57 11.73 -2.98
C ILE A 402 -10.15 11.40 -3.47
N SER A 403 -9.90 10.11 -3.67
CA SER A 403 -8.64 9.62 -4.21
C SER A 403 -8.36 10.28 -5.57
N LEU A 404 -9.33 10.16 -6.47
CA LEU A 404 -9.23 10.72 -7.82
C LEU A 404 -8.93 12.21 -7.78
N GLU A 405 -9.68 12.96 -6.97
CA GLU A 405 -9.48 14.40 -6.82
C GLU A 405 -8.05 14.72 -6.40
N PHE A 406 -7.51 13.91 -5.49
CA PHE A 406 -6.17 14.13 -4.97
C PHE A 406 -5.08 13.89 -6.01
N MET A 407 -5.18 12.76 -6.72
CA MET A 407 -4.20 12.41 -7.75
C MET A 407 -4.12 13.49 -8.83
N LEU A 408 -5.26 14.10 -9.16
CA LEU A 408 -5.32 15.19 -10.13
C LEU A 408 -4.70 16.47 -9.60
N GLU A 409 -4.94 16.76 -8.33
CA GLU A 409 -4.37 17.94 -7.69
C GLU A 409 -2.84 17.86 -7.67
N GLN A 410 -2.33 16.65 -7.48
CA GLN A 410 -0.90 16.40 -7.48
C GLN A 410 -0.32 16.60 -8.87
N ALA A 411 -0.93 15.95 -9.86
CA ALA A 411 -0.49 16.02 -11.25
C ALA A 411 -0.48 17.46 -11.78
N ASN A 412 -1.40 18.28 -11.28
CA ASN A 412 -1.49 19.68 -11.69
C ASN A 412 -0.35 20.50 -11.10
N LYS A 413 -0.02 20.23 -9.83
CA LYS A 413 1.08 20.92 -9.15
C LYS A 413 2.40 20.73 -9.89
N PHE A 414 2.71 19.48 -10.21
CA PHE A 414 3.99 19.12 -10.80
C PHE A 414 3.97 19.02 -12.32
N ALA A 415 2.87 19.48 -12.91
CA ALA A 415 2.69 19.45 -14.36
C ALA A 415 3.83 20.13 -15.10
N ASN A 416 4.29 21.26 -14.57
CA ASN A 416 5.34 22.06 -15.22
C ASN A 416 6.75 21.89 -14.65
N HIS A 417 6.92 20.89 -13.78
CA HIS A 417 8.24 20.61 -13.24
C HIS A 417 9.06 19.82 -14.25
N LYS A 418 10.32 20.22 -14.43
CA LYS A 418 11.23 19.56 -15.35
C LYS A 418 11.34 18.08 -15.02
N ALA A 419 11.44 17.78 -13.73
CA ALA A 419 11.51 16.40 -13.24
C ALA A 419 11.05 16.32 -11.80
N ILE A 420 10.41 15.20 -11.47
CA ILE A 420 10.01 14.91 -10.10
C ILE A 420 10.57 13.55 -9.68
N TRP A 421 10.65 13.33 -8.37
CA TRP A 421 11.19 12.07 -7.84
C TRP A 421 10.33 11.49 -6.73
N PHE A 422 10.47 10.19 -6.51
CA PHE A 422 9.72 9.51 -5.47
C PHE A 422 10.69 8.72 -4.57
N PRO A 423 10.81 9.12 -3.29
CA PRO A 423 11.62 8.35 -2.32
C PRO A 423 11.08 6.94 -2.17
N TYR A 424 11.96 5.97 -1.95
CA TYR A 424 11.53 4.58 -1.81
C TYR A 424 11.82 3.93 -0.47
N ASN A 425 10.93 3.01 -0.11
CA ASN A 425 10.99 2.24 1.12
C ASN A 425 10.76 0.77 0.85
N MET A 426 10.89 -0.04 1.90
CA MET A 426 10.60 -1.46 1.85
C MET A 426 9.73 -1.83 3.02
N ASP A 427 8.87 -2.83 2.83
CA ASP A 427 8.09 -3.36 3.95
C ASP A 427 8.98 -4.36 4.72
N TRP A 428 8.50 -4.88 5.85
CA TRP A 428 9.34 -5.76 6.70
C TRP A 428 9.97 -6.95 5.96
N ARG A 429 9.47 -7.18 4.75
CA ARG A 429 10.03 -8.19 3.86
C ARG A 429 10.79 -7.40 2.80
N GLY A 430 11.01 -7.97 1.63
CA GLY A 430 11.76 -7.25 0.60
C GLY A 430 11.05 -6.11 -0.10
N ARG A 431 9.80 -6.35 -0.51
CA ARG A 431 9.04 -5.47 -1.40
C ARG A 431 9.26 -3.95 -1.32
N VAL A 432 9.49 -3.36 -2.49
CA VAL A 432 9.86 -1.95 -2.63
C VAL A 432 8.66 -1.00 -2.83
N TYR A 433 8.51 -0.04 -1.93
CA TYR A 433 7.38 0.90 -1.98
C TYR A 433 7.77 2.36 -2.18
N ALA A 434 6.99 3.08 -2.96
CA ALA A 434 7.18 4.52 -3.13
C ALA A 434 6.54 5.20 -1.92
N VAL A 435 7.29 6.08 -1.28
CA VAL A 435 6.86 6.73 -0.04
C VAL A 435 5.69 7.71 -0.21
N SER A 436 5.71 8.51 -1.27
CA SER A 436 4.67 9.52 -1.52
C SER A 436 3.31 8.89 -1.82
N MET A 437 2.25 9.69 -1.72
CA MET A 437 0.90 9.21 -1.96
C MET A 437 0.64 9.04 -3.45
N PHE A 438 1.14 10.01 -4.23
CA PHE A 438 1.03 10.00 -5.69
C PHE A 438 2.19 9.16 -6.22
N ASN A 439 1.86 8.03 -6.85
CA ASN A 439 2.86 7.05 -7.23
C ASN A 439 2.77 6.50 -8.64
N PRO A 440 3.92 6.07 -9.21
CA PRO A 440 3.91 5.32 -10.46
C PRO A 440 3.37 3.91 -10.23
N GLN A 441 3.10 3.57 -8.96
CA GLN A 441 2.61 2.26 -8.57
C GLN A 441 1.10 2.23 -8.34
N GLY A 442 0.44 3.35 -8.63
CA GLY A 442 -1.00 3.48 -8.43
C GLY A 442 -1.80 2.83 -9.54
N ASN A 443 -3.06 3.23 -9.66
CA ASN A 443 -3.96 2.70 -10.68
C ASN A 443 -3.69 3.27 -12.07
N ASP A 444 -4.51 2.86 -13.03
CA ASP A 444 -4.41 3.26 -14.45
C ASP A 444 -4.24 4.77 -14.67
N MET A 445 -5.16 5.56 -14.11
CA MET A 445 -5.12 7.00 -14.27
C MET A 445 -3.83 7.58 -13.69
N THR A 446 -3.52 7.21 -12.46
CA THR A 446 -2.33 7.70 -11.77
C THR A 446 -1.04 7.34 -12.52
N LYS A 447 -0.99 6.11 -13.03
CA LYS A 447 0.15 5.67 -13.84
C LYS A 447 0.23 6.42 -15.17
N GLY A 448 -0.92 6.57 -15.83
CA GLY A 448 -1.00 7.28 -17.11
C GLY A 448 -0.53 8.72 -17.04
N LEU A 449 -0.89 9.40 -15.94
CA LEU A 449 -0.50 10.79 -15.70
C LEU A 449 1.00 10.97 -15.50
N LEU A 450 1.70 9.87 -15.21
CA LEU A 450 3.15 9.89 -15.01
C LEU A 450 3.91 9.33 -16.20
N THR A 451 5.16 9.77 -16.35
CA THR A 451 6.06 9.31 -17.40
C THR A 451 7.50 9.69 -17.03
N LEU A 452 8.47 9.02 -17.64
CA LEU A 452 9.89 9.27 -17.34
C LEU A 452 10.36 10.60 -17.92
N ALA A 453 11.41 11.16 -17.33
CA ALA A 453 11.89 12.49 -17.72
C ALA A 453 12.94 12.51 -18.83
N LYS A 454 13.86 11.55 -18.80
CA LYS A 454 14.95 11.50 -19.77
C LYS A 454 14.82 10.38 -20.79
N GLY A 455 14.89 10.76 -22.06
CA GLY A 455 14.78 9.84 -23.19
C GLY A 455 16.11 9.38 -23.75
N LYS A 456 16.05 8.29 -24.51
CA LYS A 456 17.23 7.66 -25.10
C LYS A 456 16.84 7.18 -26.50
N PRO A 457 17.61 7.60 -27.53
CA PRO A 457 17.32 7.23 -28.93
C PRO A 457 17.32 5.73 -29.24
N ILE A 458 16.18 5.10 -29.54
CA ILE A 458 14.80 5.67 -29.62
C ILE A 458 13.89 4.77 -30.47
N GLY A 459 14.33 4.44 -31.69
CA GLY A 459 13.50 3.73 -32.67
C GLY A 459 13.86 2.30 -33.05
N LYS A 460 13.05 1.75 -33.94
CA LYS A 460 13.14 0.36 -34.43
C LYS A 460 13.01 -0.65 -33.30
N GLU A 461 14.09 -0.84 -32.55
CA GLU A 461 14.13 -1.73 -31.40
C GLU A 461 13.11 -1.27 -30.34
N GLY A 462 13.14 0.02 -30.04
CA GLY A 462 12.22 0.61 -29.08
C GLY A 462 10.80 0.67 -29.59
N TYR A 463 10.64 1.11 -30.83
CA TYR A 463 9.34 1.22 -31.47
C TYR A 463 8.58 -0.12 -31.49
N TYR A 464 9.33 -1.22 -31.59
CA TYR A 464 8.75 -2.56 -31.59
C TYR A 464 8.02 -2.82 -30.27
N TRP A 465 8.75 -2.66 -29.16
CA TRP A 465 8.18 -2.88 -27.83
C TRP A 465 7.22 -1.78 -27.37
N LEU A 466 7.24 -0.65 -28.09
CA LEU A 466 6.30 0.42 -27.82
C LEU A 466 4.90 -0.05 -28.21
N LYS A 467 4.82 -0.74 -29.35
CA LYS A 467 3.55 -1.29 -29.84
C LYS A 467 3.09 -2.48 -28.99
N ILE A 468 4.03 -3.22 -28.43
CA ILE A 468 3.74 -4.35 -27.53
C ILE A 468 3.06 -3.82 -26.26
N HIS A 469 3.61 -2.74 -25.70
CA HIS A 469 3.06 -2.09 -24.51
C HIS A 469 1.65 -1.55 -24.76
N GLY A 470 1.45 -0.99 -25.95
CA GLY A 470 0.14 -0.49 -26.36
C GLY A 470 -0.87 -1.61 -26.35
N ALA A 471 -0.48 -2.74 -26.95
CA ALA A 471 -1.31 -3.93 -27.00
C ALA A 471 -1.64 -4.42 -25.59
N ASN A 472 -0.63 -4.35 -24.71
CA ASN A 472 -0.79 -4.74 -23.31
C ASN A 472 -1.79 -3.86 -22.57
N CYS A 473 -1.77 -2.56 -22.85
CA CYS A 473 -2.69 -1.59 -22.26
C CYS A 473 -4.14 -1.91 -22.62
N ALA A 474 -4.33 -2.44 -23.83
CA ALA A 474 -5.63 -2.90 -24.29
C ALA A 474 -5.78 -4.37 -23.88
N GLY A 475 -6.98 -4.94 -24.06
CA GLY A 475 -7.22 -6.33 -23.70
C GLY A 475 -6.57 -7.31 -24.66
N VAL A 476 -5.28 -7.10 -24.93
CA VAL A 476 -4.52 -7.94 -25.85
C VAL A 476 -3.15 -8.25 -25.23
N ASP A 477 -3.14 -9.14 -24.24
CA ASP A 477 -1.91 -9.51 -23.53
C ASP A 477 -1.71 -11.03 -23.39
N LYS A 478 -2.68 -11.80 -23.87
CA LYS A 478 -2.62 -13.27 -23.85
C LYS A 478 -2.40 -13.78 -25.27
N VAL A 479 -1.74 -12.96 -26.08
CA VAL A 479 -1.54 -13.25 -27.50
C VAL A 479 -0.07 -13.02 -27.91
N PRO A 480 0.49 -13.90 -28.78
CA PRO A 480 1.87 -13.81 -29.27
C PRO A 480 2.24 -12.44 -29.85
N PHE A 481 3.49 -12.04 -29.63
CA PHE A 481 3.99 -10.72 -30.04
C PHE A 481 3.72 -10.32 -31.50
N PRO A 482 4.03 -11.20 -32.48
CA PRO A 482 3.73 -10.82 -33.86
C PRO A 482 2.25 -10.46 -34.08
N GLU A 483 1.36 -11.04 -33.28
CA GLU A 483 -0.07 -10.78 -33.39
C GLU A 483 -0.48 -9.51 -32.64
N ARG A 484 0.30 -9.16 -31.61
CA ARG A 484 0.07 -7.92 -30.86
C ARG A 484 0.38 -6.71 -31.75
N ILE A 485 1.47 -6.84 -32.52
CA ILE A 485 1.88 -5.85 -33.50
C ILE A 485 0.78 -5.71 -34.56
N LYS A 486 0.24 -6.86 -34.97
CA LYS A 486 -0.82 -6.92 -35.98
C LYS A 486 -2.10 -6.23 -35.50
N PHE A 487 -2.35 -6.27 -34.19
CA PHE A 487 -3.50 -5.60 -33.60
C PHE A 487 -3.37 -4.08 -33.69
N ILE A 488 -2.16 -3.59 -33.42
CA ILE A 488 -1.86 -2.16 -33.48
C ILE A 488 -1.97 -1.64 -34.92
N GLU A 489 -1.28 -2.33 -35.83
CA GLU A 489 -1.24 -1.97 -37.23
C GLU A 489 -2.63 -2.00 -37.90
N GLU A 490 -3.51 -2.87 -37.40
CA GLU A 490 -4.89 -2.93 -37.87
C GLU A 490 -5.70 -1.74 -37.37
N ASN A 491 -5.38 -1.28 -36.16
CA ASN A 491 -6.09 -0.16 -35.57
C ASN A 491 -5.32 1.17 -35.67
N HIS A 492 -4.56 1.31 -36.76
CA HIS A 492 -3.79 2.52 -37.02
C HIS A 492 -4.67 3.75 -37.17
N GLU A 493 -5.90 3.55 -37.67
CA GLU A 493 -6.87 4.64 -37.80
C GLU A 493 -7.60 4.89 -36.47
N ASN A 494 -7.76 3.84 -35.67
CA ASN A 494 -8.34 3.97 -34.34
C ASN A 494 -7.38 4.74 -33.44
N ILE A 495 -6.08 4.50 -33.64
CA ILE A 495 -5.02 5.29 -33.01
C ILE A 495 -4.82 6.48 -33.96
N MET A 496 -3.93 7.41 -33.61
CA MET A 496 -3.72 8.64 -34.40
C MET A 496 -4.90 9.59 -34.23
N ALA A 497 -6.11 9.06 -34.43
CA ALA A 497 -7.35 9.82 -34.27
C ALA A 497 -7.68 10.08 -32.81
N CYS A 498 -7.28 9.17 -31.92
CA CYS A 498 -7.46 9.36 -30.48
C CYS A 498 -6.43 10.33 -29.90
N ALA A 499 -5.31 10.49 -30.59
CA ALA A 499 -4.29 11.47 -30.21
C ALA A 499 -4.66 12.82 -30.81
N LYS A 500 -5.39 12.78 -31.92
CA LYS A 500 -5.90 13.95 -32.62
C LYS A 500 -6.88 14.74 -31.75
N SER A 501 -7.99 14.09 -31.40
CA SER A 501 -9.01 14.68 -30.54
C SER A 501 -9.51 13.63 -29.55
N PRO A 502 -8.80 13.47 -28.43
CA PRO A 502 -9.13 12.47 -27.40
C PRO A 502 -10.47 12.75 -26.71
N LEU A 503 -10.86 14.01 -26.67
CA LEU A 503 -12.13 14.41 -26.06
C LEU A 503 -13.31 14.07 -26.96
N GLU A 504 -13.04 13.96 -28.26
CA GLU A 504 -14.06 13.60 -29.25
C GLU A 504 -14.06 12.09 -29.49
N ASN A 505 -12.86 11.49 -29.50
CA ASN A 505 -12.70 10.04 -29.71
C ASN A 505 -12.49 9.30 -28.39
N THR A 506 -13.50 8.53 -27.99
CA THR A 506 -13.46 7.80 -26.71
C THR A 506 -13.30 6.29 -26.89
N TRP A 507 -12.49 5.88 -27.85
CA TRP A 507 -12.23 4.46 -28.11
C TRP A 507 -11.23 3.90 -27.09
N TRP A 508 -10.24 4.72 -26.74
CA TRP A 508 -9.22 4.36 -25.76
C TRP A 508 -9.82 4.12 -24.38
N ALA A 509 -10.94 4.80 -24.10
CA ALA A 509 -11.65 4.67 -22.83
C ALA A 509 -12.18 3.26 -22.60
N GLU A 510 -12.52 2.58 -23.71
CA GLU A 510 -13.08 1.22 -23.68
C GLU A 510 -12.02 0.13 -23.42
N GLN A 511 -10.75 0.53 -23.43
CA GLN A 511 -9.64 -0.42 -23.24
C GLN A 511 -9.38 -0.70 -21.76
N ASP A 512 -8.70 -1.82 -21.49
CA ASP A 512 -8.40 -2.25 -20.12
C ASP A 512 -7.70 -1.19 -19.28
N SER A 513 -6.70 -0.55 -19.85
CA SER A 513 -6.03 0.57 -19.20
C SER A 513 -6.26 1.84 -20.04
N PRO A 514 -7.42 2.51 -19.80
CA PRO A 514 -7.81 3.67 -20.58
C PRO A 514 -6.74 4.76 -20.70
N PHE A 515 -6.32 5.30 -19.55
CA PHE A 515 -5.34 6.38 -19.54
C PHE A 515 -3.94 5.92 -19.95
N CYS A 516 -3.56 4.72 -19.53
CA CYS A 516 -2.27 4.16 -19.94
C CYS A 516 -2.20 3.91 -21.45
N PHE A 517 -3.32 3.49 -22.03
CA PHE A 517 -3.41 3.27 -23.47
C PHE A 517 -3.40 4.61 -24.20
N LEU A 518 -4.05 5.62 -23.59
CA LEU A 518 -4.08 6.96 -24.15
C LEU A 518 -2.67 7.56 -24.19
N ALA A 519 -1.89 7.30 -23.15
CA ALA A 519 -0.50 7.74 -23.06
C ALA A 519 0.35 7.13 -24.18
N PHE A 520 0.00 5.91 -24.57
CA PHE A 520 0.66 5.21 -25.66
C PHE A 520 0.28 5.83 -27.01
N CYS A 521 -0.99 6.17 -27.18
CA CYS A 521 -1.50 6.76 -28.40
C CYS A 521 -0.84 8.09 -28.73
N PHE A 522 -0.71 8.95 -27.72
CA PHE A 522 -0.02 10.23 -27.87
C PHE A 522 1.42 10.02 -28.28
N GLU A 523 2.02 8.94 -27.76
CA GLU A 523 3.41 8.61 -28.04
C GLU A 523 3.57 7.90 -29.38
N TYR A 524 2.53 7.19 -29.80
CA TYR A 524 2.54 6.47 -31.08
C TYR A 524 2.45 7.46 -32.23
N ALA A 525 1.62 8.49 -32.05
CA ALA A 525 1.43 9.54 -33.04
C ALA A 525 2.70 10.37 -33.24
N GLY A 526 3.49 10.49 -32.17
CA GLY A 526 4.74 11.23 -32.21
C GLY A 526 5.77 10.60 -33.14
N VAL A 527 5.79 9.27 -33.16
CA VAL A 527 6.71 8.52 -34.01
C VAL A 527 6.35 8.70 -35.48
N GLN A 528 5.05 8.68 -35.77
CA GLN A 528 4.54 8.81 -37.13
C GLN A 528 4.76 10.21 -37.74
N HIS A 529 4.91 11.22 -36.89
CA HIS A 529 5.11 12.59 -37.35
C HIS A 529 6.56 13.04 -37.39
N HIS A 530 7.35 12.57 -36.42
CA HIS A 530 8.77 12.94 -36.33
C HIS A 530 9.71 11.92 -36.96
N GLY A 531 9.39 10.63 -36.78
CA GLY A 531 10.22 9.55 -37.32
C GLY A 531 10.71 8.61 -36.25
N LEU A 532 11.72 7.82 -36.59
CA LEU A 532 12.30 6.85 -35.65
C LEU A 532 13.35 7.47 -34.72
N SER A 533 13.50 8.78 -34.80
CA SER A 533 14.43 9.51 -33.94
C SER A 533 13.66 10.30 -32.89
N TYR A 534 12.33 10.22 -32.97
CA TYR A 534 11.42 10.88 -32.04
C TYR A 534 11.73 10.51 -30.59
N ASN A 535 12.12 11.51 -29.80
CA ASN A 535 12.46 11.31 -28.38
C ASN A 535 11.27 10.79 -27.58
N CYS A 536 11.43 9.60 -27.02
CA CYS A 536 10.36 8.93 -26.26
C CYS A 536 10.82 8.47 -24.88
N SER A 537 9.99 8.70 -23.87
CA SER A 537 10.33 8.34 -22.49
C SER A 537 9.24 7.59 -21.73
N LEU A 538 8.31 6.97 -22.46
CA LEU A 538 7.23 6.20 -21.86
C LEU A 538 7.77 4.92 -21.22
N PRO A 539 7.33 4.60 -19.99
CA PRO A 539 7.77 3.37 -19.36
C PRO A 539 7.03 2.14 -19.91
N LEU A 540 7.77 1.18 -20.46
CA LEU A 540 7.16 -0.02 -21.01
C LEU A 540 7.23 -1.13 -19.97
N ALA A 541 6.06 -1.49 -19.44
CA ALA A 541 5.96 -2.46 -18.35
C ALA A 541 5.95 -3.93 -18.80
N PHE A 542 6.87 -4.69 -18.22
CA PHE A 542 6.92 -6.14 -18.43
C PHE A 542 6.53 -6.82 -17.11
N ASP A 543 5.30 -7.32 -17.07
CA ASP A 543 4.71 -7.92 -15.88
C ASP A 543 4.76 -9.46 -15.92
N GLY A 544 5.21 -10.06 -14.82
CA GLY A 544 5.23 -11.53 -14.68
C GLY A 544 3.82 -12.10 -14.71
N SER A 545 3.67 -13.27 -15.34
CA SER A 545 2.37 -13.93 -15.51
C SER A 545 1.66 -14.18 -14.17
N CYS A 546 2.28 -15.01 -13.35
CA CYS A 546 1.74 -15.32 -12.03
C CYS A 546 2.92 -15.39 -11.07
N SER A 547 3.49 -14.23 -10.79
CA SER A 547 4.67 -14.06 -9.94
C SER A 547 4.84 -15.18 -8.90
N GLY A 548 3.86 -15.31 -8.00
CA GLY A 548 3.90 -16.33 -6.96
C GLY A 548 4.26 -17.73 -7.45
N ILE A 549 3.49 -18.23 -8.40
CA ILE A 549 3.69 -19.57 -8.95
C ILE A 549 4.94 -19.65 -9.84
N GLN A 550 5.40 -18.50 -10.34
CA GLN A 550 6.63 -18.46 -11.13
C GLN A 550 7.84 -18.78 -10.26
N HIS A 551 7.91 -18.14 -9.09
CA HIS A 551 9.01 -18.36 -8.14
C HIS A 551 8.99 -19.75 -7.53
N PHE A 552 7.80 -20.22 -7.13
CA PHE A 552 7.64 -21.57 -6.61
C PHE A 552 8.08 -22.61 -7.65
N SER A 553 7.75 -22.34 -8.91
CA SER A 553 8.13 -23.21 -10.02
C SER A 553 9.63 -23.23 -10.22
N ALA A 554 10.25 -22.06 -10.05
CA ALA A 554 11.69 -21.91 -10.23
C ALA A 554 12.48 -22.48 -9.06
N MET A 555 12.04 -22.20 -7.83
CA MET A 555 12.75 -22.66 -6.63
C MET A 555 12.72 -24.18 -6.44
N LEU A 556 11.72 -24.83 -7.04
CA LEU A 556 11.58 -26.27 -6.96
C LEU A 556 11.84 -26.93 -8.31
N ARG A 557 12.18 -26.12 -9.31
CA ARG A 557 12.45 -26.57 -10.67
C ARG A 557 11.29 -27.42 -11.21
N ASP A 558 10.08 -27.01 -10.86
CA ASP A 558 8.84 -27.68 -11.26
C ASP A 558 8.63 -27.53 -12.76
N GLU A 559 8.38 -28.64 -13.46
CA GLU A 559 8.33 -28.62 -14.94
C GLU A 559 7.32 -27.74 -15.72
N VAL A 560 5.99 -27.72 -15.55
CA VAL A 560 4.99 -28.53 -14.80
C VAL A 560 3.64 -27.76 -14.82
N GLY A 561 3.50 -26.59 -14.18
CA GLY A 561 4.54 -25.89 -13.42
C GLY A 561 5.13 -24.79 -14.28
N GLY A 562 6.33 -25.07 -14.80
CA GLY A 562 7.04 -24.25 -15.78
C GLY A 562 6.47 -22.88 -16.01
N ARG A 563 5.68 -22.64 -17.06
CA ARG A 563 5.18 -23.56 -18.11
C ARG A 563 3.73 -23.18 -18.25
N ALA A 564 2.97 -23.37 -17.18
CA ALA A 564 1.60 -22.93 -17.09
C ALA A 564 1.66 -21.44 -16.78
N VAL A 565 2.78 -21.03 -16.16
CA VAL A 565 3.05 -19.63 -15.85
C VAL A 565 4.16 -19.06 -16.76
N ASN A 566 4.20 -19.59 -17.99
CA ASN A 566 5.06 -19.09 -19.08
C ASN A 566 6.59 -19.08 -18.91
N LEU A 567 7.13 -19.86 -17.98
CA LEU A 567 8.59 -19.92 -17.80
C LEU A 567 9.31 -20.68 -18.93
N LEU A 568 8.57 -21.53 -19.65
CA LEU A 568 9.13 -22.30 -20.75
C LEU A 568 8.78 -21.70 -22.11
N PRO A 569 9.71 -21.80 -23.09
CA PRO A 569 9.48 -21.29 -24.44
C PRO A 569 8.32 -22.00 -25.14
N SER A 570 7.31 -21.21 -25.52
CA SER A 570 6.12 -21.72 -26.20
C SER A 570 5.68 -20.74 -27.28
N GLU A 571 5.05 -21.27 -28.32
CA GLU A 571 4.53 -20.44 -29.41
C GLU A 571 3.25 -19.74 -28.97
N THR A 572 2.51 -20.40 -28.06
CA THR A 572 1.25 -19.87 -27.52
C THR A 572 1.42 -19.33 -26.09
N VAL A 573 0.66 -18.30 -25.75
CA VAL A 573 0.70 -17.69 -24.41
C VAL A 573 -0.09 -18.52 -23.42
N GLN A 574 0.62 -19.11 -22.47
CA GLN A 574 0.01 -19.98 -21.46
C GLN A 574 -0.70 -19.17 -20.39
N ASP A 575 -2.00 -19.39 -20.27
CA ASP A 575 -2.82 -18.68 -19.29
C ASP A 575 -3.29 -19.66 -18.22
N ILE A 576 -2.61 -19.63 -17.07
CA ILE A 576 -2.97 -20.51 -15.95
C ILE A 576 -4.38 -20.19 -15.42
N TYR A 577 -4.79 -18.92 -15.55
CA TYR A 577 -6.10 -18.47 -15.11
C TYR A 577 -7.20 -19.00 -16.04
N GLY A 578 -6.87 -19.16 -17.32
CA GLY A 578 -7.81 -19.71 -18.30
C GLY A 578 -7.94 -21.21 -18.20
N ILE A 579 -6.84 -21.87 -17.81
CA ILE A 579 -6.80 -23.32 -17.64
C ILE A 579 -7.69 -23.77 -16.48
N VAL A 580 -7.62 -23.04 -15.36
CA VAL A 580 -8.43 -23.32 -14.19
C VAL A 580 -9.92 -23.15 -14.50
N ALA A 581 -10.27 -22.02 -15.12
CA ALA A 581 -11.64 -21.72 -15.51
C ALA A 581 -12.20 -22.80 -16.44
N LYS A 582 -11.38 -23.26 -17.37
CA LYS A 582 -11.71 -24.33 -18.29
C LYS A 582 -12.10 -25.60 -17.51
N LYS A 583 -11.33 -25.91 -16.48
CA LYS A 583 -11.60 -27.06 -15.62
C LYS A 583 -12.85 -26.83 -14.77
N VAL A 584 -13.06 -25.59 -14.36
CA VAL A 584 -14.24 -25.19 -13.59
C VAL A 584 -15.51 -25.38 -14.41
N ASN A 585 -15.47 -24.94 -15.67
CA ASN A 585 -16.60 -25.06 -16.60
C ASN A 585 -17.05 -26.50 -16.83
N GLU A 586 -16.10 -27.43 -16.79
CA GLU A 586 -16.40 -28.85 -16.94
C GLU A 586 -17.16 -29.37 -15.71
N ILE A 587 -16.78 -28.88 -14.54
CA ILE A 587 -17.46 -29.22 -13.28
C ILE A 587 -18.81 -28.51 -13.26
N LEU A 588 -18.84 -27.30 -13.81
CA LEU A 588 -20.02 -26.46 -13.86
C LEU A 588 -21.11 -27.07 -14.74
N GLN A 589 -20.72 -27.58 -15.92
CA GLN A 589 -21.65 -28.23 -16.84
C GLN A 589 -22.16 -29.55 -16.28
N ALA A 590 -21.32 -30.24 -15.51
CA ALA A 590 -21.65 -31.52 -14.90
C ALA A 590 -22.78 -31.40 -13.88
N ASP A 591 -22.81 -30.29 -13.15
CA ASP A 591 -23.82 -30.04 -12.13
C ASP A 591 -25.14 -29.52 -12.72
N ALA A 592 -25.06 -28.99 -13.94
CA ALA A 592 -26.23 -28.43 -14.64
C ALA A 592 -27.27 -29.48 -15.04
N ILE A 593 -26.81 -30.69 -15.36
CA ILE A 593 -27.70 -31.76 -15.77
C ILE A 593 -27.97 -32.78 -14.64
N ASN A 594 -27.01 -32.93 -13.74
CA ASN A 594 -27.13 -33.86 -12.63
C ASN A 594 -26.40 -33.35 -11.38
N GLY A 595 -27.14 -32.69 -10.49
CA GLY A 595 -26.57 -32.12 -9.27
C GLY A 595 -27.53 -32.20 -8.10
N THR A 596 -27.60 -31.13 -7.30
CA THR A 596 -28.44 -31.10 -6.11
C THR A 596 -29.58 -30.10 -6.26
N ASP A 597 -30.74 -30.44 -5.70
CA ASP A 597 -31.93 -29.60 -5.74
C ASP A 597 -31.99 -28.68 -4.53
N ASN A 598 -32.82 -27.64 -4.63
CA ASN A 598 -32.96 -26.63 -3.58
C ASN A 598 -33.60 -27.16 -2.30
N GLU A 599 -33.02 -26.78 -1.18
CA GLU A 599 -33.51 -27.19 0.15
C GLU A 599 -33.99 -25.99 0.96
N VAL A 600 -34.62 -26.27 2.10
CA VAL A 600 -35.05 -25.24 3.04
C VAL A 600 -34.54 -25.58 4.43
N VAL A 601 -33.45 -24.93 4.84
CA VAL A 601 -32.81 -25.20 6.14
C VAL A 601 -33.60 -24.67 7.35
N THR A 602 -34.58 -23.80 7.09
CA THR A 602 -35.48 -23.23 8.10
C THR A 602 -34.82 -22.99 9.49
N VAL A 603 -33.91 -22.02 9.53
CA VAL A 603 -33.18 -21.68 10.77
C VAL A 603 -33.82 -20.48 11.47
N THR A 604 -34.30 -20.71 12.70
CA THR A 604 -34.94 -19.66 13.49
C THR A 604 -34.54 -19.75 14.97
N ILE A 611 -41.36 -17.56 9.03
CA ILE A 611 -40.13 -16.95 9.52
C ILE A 611 -39.70 -17.52 10.89
N SER A 612 -38.41 -17.78 11.07
CA SER A 612 -37.39 -17.54 10.05
C SER A 612 -37.03 -18.80 9.25
N GLU A 613 -37.10 -18.68 7.93
CA GLU A 613 -36.77 -19.77 7.00
C GLU A 613 -36.23 -19.26 5.66
N LYS A 614 -35.11 -19.80 5.23
CA LYS A 614 -34.52 -19.41 3.93
C LYS A 614 -34.24 -20.61 3.04
N VAL A 615 -34.14 -20.35 1.73
CA VAL A 615 -33.90 -21.38 0.74
C VAL A 615 -32.40 -21.55 0.46
N LYS A 616 -31.90 -22.75 0.66
CA LYS A 616 -30.52 -23.07 0.31
C LYS A 616 -30.52 -23.69 -1.08
N LEU A 617 -29.86 -23.01 -2.01
CA LEU A 617 -29.78 -23.45 -3.39
C LEU A 617 -28.84 -24.64 -3.54
N GLY A 618 -29.23 -25.60 -4.37
CA GLY A 618 -28.43 -26.79 -4.63
C GLY A 618 -27.38 -26.54 -5.68
N THR A 619 -26.62 -27.58 -6.04
CA THR A 619 -25.56 -27.44 -7.03
C THR A 619 -26.08 -27.23 -8.45
N LYS A 620 -27.32 -27.67 -8.71
CA LYS A 620 -27.94 -27.48 -10.02
C LYS A 620 -28.24 -26.02 -10.29
N ALA A 621 -28.95 -25.38 -9.35
CA ALA A 621 -29.38 -24.00 -9.47
C ALA A 621 -28.22 -23.02 -9.55
N LEU A 622 -27.21 -23.22 -8.70
CA LEU A 622 -26.03 -22.36 -8.66
C LEU A 622 -25.23 -22.45 -9.96
N ALA A 623 -25.11 -23.66 -10.50
CA ALA A 623 -24.42 -23.90 -11.75
C ALA A 623 -25.08 -23.14 -12.91
N GLY A 624 -26.41 -23.11 -12.89
CA GLY A 624 -27.18 -22.41 -13.91
C GLY A 624 -26.95 -20.90 -13.84
N GLN A 625 -26.76 -20.39 -12.63
CA GLN A 625 -26.51 -18.97 -12.40
C GLN A 625 -25.15 -18.54 -12.92
N TRP A 626 -24.17 -19.43 -12.83
CA TRP A 626 -22.80 -19.12 -13.29
C TRP A 626 -22.63 -19.25 -14.80
N LEU A 627 -23.34 -20.19 -15.41
CA LEU A 627 -23.32 -20.34 -16.86
C LEU A 627 -24.05 -19.18 -17.53
N ALA A 628 -24.96 -18.57 -16.77
CA ALA A 628 -25.72 -17.40 -17.24
C ALA A 628 -24.92 -16.11 -17.05
N TYR A 629 -23.73 -16.23 -16.46
CA TYR A 629 -22.83 -15.11 -16.27
C TYR A 629 -21.54 -15.31 -17.06
N GLY A 630 -21.17 -16.57 -17.24
CA GLY A 630 -19.93 -16.92 -17.95
C GLY A 630 -18.74 -16.77 -17.04
N VAL A 631 -18.16 -17.91 -16.65
CA VAL A 631 -17.00 -17.93 -15.77
C VAL A 631 -15.71 -17.96 -16.61
N THR A 632 -15.15 -16.79 -16.82
CA THR A 632 -13.93 -16.64 -17.61
C THR A 632 -12.70 -16.66 -16.71
N ARG A 633 -11.57 -16.19 -17.23
CA ARG A 633 -10.32 -16.13 -16.48
C ARG A 633 -10.37 -15.13 -15.32
N SER A 634 -11.10 -14.03 -15.52
CA SER A 634 -11.22 -12.97 -14.51
C SER A 634 -11.82 -13.43 -13.18
N VAL A 635 -12.70 -14.43 -13.24
CA VAL A 635 -13.35 -14.97 -12.04
C VAL A 635 -12.33 -15.75 -11.19
N THR A 636 -11.38 -16.40 -11.86
CA THR A 636 -10.38 -17.22 -11.19
C THR A 636 -9.06 -16.49 -10.90
N LYS A 637 -8.81 -15.38 -11.60
CA LYS A 637 -7.57 -14.59 -11.45
C LYS A 637 -7.00 -14.52 -10.03
N ARG A 638 -7.64 -13.73 -9.17
CA ARG A 638 -7.15 -13.51 -7.81
C ARG A 638 -7.15 -14.79 -6.99
N SER A 639 -8.12 -15.67 -7.26
CA SER A 639 -8.26 -16.94 -6.56
C SER A 639 -7.11 -17.92 -6.87
N VAL A 640 -6.58 -17.85 -8.08
CA VAL A 640 -5.46 -18.71 -8.48
C VAL A 640 -4.16 -18.21 -7.85
N MET A 641 -3.97 -16.89 -7.85
CA MET A 641 -2.75 -16.29 -7.29
C MET A 641 -2.63 -16.54 -5.80
N THR A 642 -3.65 -16.10 -5.05
CA THR A 642 -3.64 -16.12 -3.58
C THR A 642 -3.47 -17.51 -2.96
N LEU A 643 -3.81 -18.56 -3.70
CA LEU A 643 -3.61 -19.92 -3.22
C LEU A 643 -2.12 -20.11 -2.98
N ALA A 644 -1.31 -19.64 -3.94
CA ALA A 644 0.16 -19.68 -3.86
C ALA A 644 0.69 -18.74 -2.77
N TYR A 645 -0.19 -18.35 -1.85
CA TYR A 645 0.16 -17.52 -0.72
C TYR A 645 -0.49 -18.08 0.56
N GLY A 646 -0.76 -19.39 0.55
CA GLY A 646 -1.32 -20.10 1.70
C GLY A 646 -2.75 -19.73 2.08
N SER A 647 -3.61 -19.62 1.07
CA SER A 647 -5.03 -19.28 1.28
C SER A 647 -5.89 -20.53 1.43
N LYS A 648 -7.13 -20.35 1.90
CA LYS A 648 -8.06 -21.46 2.07
C LYS A 648 -9.37 -21.26 1.32
N GLU A 649 -10.20 -22.31 1.32
CA GLU A 649 -11.49 -22.31 0.63
C GLU A 649 -12.38 -21.15 1.07
N PHE A 650 -12.61 -21.05 2.38
CA PHE A 650 -13.42 -19.96 2.96
C PHE A 650 -12.91 -18.60 2.47
N GLY A 651 -11.60 -18.47 2.38
CA GLY A 651 -10.95 -17.25 1.91
C GLY A 651 -11.33 -16.88 0.49
N PHE A 652 -11.47 -17.90 -0.36
CA PHE A 652 -11.86 -17.69 -1.77
C PHE A 652 -13.25 -17.10 -1.89
N ARG A 653 -14.18 -17.62 -1.11
CA ARG A 653 -15.57 -17.15 -1.10
C ARG A 653 -15.60 -15.63 -1.00
N GLN A 654 -14.83 -15.11 -0.04
CA GLN A 654 -14.74 -13.67 0.21
C GLN A 654 -14.23 -12.90 -1.01
N GLN A 655 -13.31 -13.50 -1.76
CA GLN A 655 -12.73 -12.88 -2.95
C GLN A 655 -13.72 -12.84 -4.11
N VAL A 656 -14.28 -13.99 -4.44
CA VAL A 656 -15.24 -14.14 -5.54
C VAL A 656 -16.42 -13.20 -5.36
N LEU A 657 -16.88 -13.07 -4.11
CA LEU A 657 -17.99 -12.18 -3.77
C LEU A 657 -17.63 -10.71 -4.01
N GLU A 658 -16.44 -10.32 -3.58
CA GLU A 658 -15.96 -8.94 -3.72
C GLU A 658 -15.54 -8.59 -5.14
N ASP A 659 -14.84 -9.51 -5.79
CA ASP A 659 -14.31 -9.27 -7.13
C ASP A 659 -15.29 -9.53 -8.27
N THR A 660 -16.21 -10.48 -8.08
CA THR A 660 -17.12 -10.86 -9.16
C THR A 660 -18.62 -10.64 -8.87
N ILE A 661 -19.14 -11.26 -7.81
CA ILE A 661 -20.58 -11.16 -7.51
C ILE A 661 -21.07 -9.72 -7.25
N GLN A 662 -20.55 -9.07 -6.21
CA GLN A 662 -21.05 -7.74 -5.83
C GLN A 662 -21.06 -6.68 -6.95
N PRO A 663 -19.91 -6.46 -7.62
CA PRO A 663 -19.90 -5.50 -8.74
C PRO A 663 -20.89 -5.85 -9.87
N ALA A 664 -21.22 -7.14 -10.02
CA ALA A 664 -22.20 -7.57 -11.02
C ALA A 664 -23.60 -7.09 -10.65
N ILE A 665 -23.93 -7.17 -9.36
CA ILE A 665 -25.21 -6.68 -8.84
C ILE A 665 -25.26 -5.15 -8.98
N ASP A 666 -24.13 -4.51 -8.72
CA ASP A 666 -24.00 -3.06 -8.84
C ASP A 666 -24.08 -2.62 -10.30
N SER A 667 -23.59 -3.47 -11.19
CA SER A 667 -23.57 -3.19 -12.63
C SER A 667 -24.89 -3.56 -13.31
N GLY A 668 -25.80 -4.17 -12.57
CA GLY A 668 -27.09 -4.60 -13.12
C GLY A 668 -27.00 -5.85 -13.97
N LYS A 669 -25.87 -6.55 -13.87
CA LYS A 669 -25.63 -7.79 -14.61
C LYS A 669 -25.60 -8.99 -13.67
N GLY A 670 -25.91 -8.76 -12.40
CA GLY A 670 -25.90 -9.80 -11.37
C GLY A 670 -27.27 -10.18 -10.84
N LEU A 671 -28.32 -9.89 -11.60
CA LEU A 671 -29.70 -10.21 -11.24
C LEU A 671 -29.92 -11.72 -11.13
N MET A 672 -28.97 -12.48 -11.66
CA MET A 672 -29.00 -13.94 -11.63
C MET A 672 -28.73 -14.51 -10.24
N PHE A 673 -27.84 -13.85 -9.50
CA PHE A 673 -27.44 -14.31 -8.16
C PHE A 673 -28.51 -14.03 -7.11
N THR A 674 -29.47 -14.94 -6.98
CA THR A 674 -30.54 -14.82 -5.99
C THR A 674 -29.98 -14.87 -4.56
N GLN A 675 -29.18 -15.88 -4.28
CA GLN A 675 -28.45 -15.97 -3.01
C GLN A 675 -26.96 -15.78 -3.32
N PRO A 676 -26.48 -14.53 -3.22
CA PRO A 676 -25.12 -14.11 -3.60
C PRO A 676 -24.00 -14.83 -2.85
N ASN A 677 -24.13 -14.93 -1.54
CA ASN A 677 -23.12 -15.55 -0.71
C ASN A 677 -23.00 -17.06 -0.94
N GLN A 678 -24.13 -17.69 -1.24
CA GLN A 678 -24.19 -19.13 -1.51
C GLN A 678 -23.55 -19.42 -2.86
N ALA A 679 -23.67 -18.47 -3.79
CA ALA A 679 -23.07 -18.59 -5.11
C ALA A 679 -21.57 -18.40 -5.03
N ALA A 680 -21.14 -17.56 -4.08
CA ALA A 680 -19.73 -17.29 -3.86
C ALA A 680 -19.05 -18.49 -3.21
N GLY A 681 -19.77 -19.14 -2.31
CA GLY A 681 -19.27 -20.34 -1.63
C GLY A 681 -19.08 -21.49 -2.59
N TYR A 682 -20.04 -21.66 -3.49
CA TYR A 682 -20.01 -22.71 -4.52
C TYR A 682 -18.81 -22.54 -5.46
N MET A 683 -18.64 -21.33 -5.99
CA MET A 683 -17.52 -21.04 -6.89
C MET A 683 -16.17 -21.23 -6.21
N ALA A 684 -16.12 -20.92 -4.92
CA ALA A 684 -14.92 -21.12 -4.12
C ALA A 684 -14.59 -22.61 -4.02
N LYS A 685 -15.64 -23.42 -3.86
CA LYS A 685 -15.51 -24.87 -3.78
C LYS A 685 -15.02 -25.46 -5.11
N LEU A 686 -15.49 -24.89 -6.23
CA LEU A 686 -15.09 -25.37 -7.54
C LEU A 686 -13.64 -25.05 -7.87
N ILE A 687 -13.20 -23.86 -7.49
CA ILE A 687 -11.82 -23.44 -7.74
C ILE A 687 -10.87 -24.25 -6.87
N TRP A 688 -11.15 -24.32 -5.57
CA TRP A 688 -10.35 -25.10 -4.62
C TRP A 688 -10.03 -26.50 -5.16
N GLU A 689 -11.02 -27.13 -5.78
CA GLU A 689 -10.86 -28.46 -6.37
C GLU A 689 -10.05 -28.44 -7.66
N SER A 690 -10.47 -27.63 -8.62
CA SER A 690 -9.83 -27.56 -9.93
C SER A 690 -8.38 -27.07 -9.91
N VAL A 691 -8.11 -26.05 -9.09
CA VAL A 691 -6.77 -25.47 -8.98
C VAL A 691 -5.79 -26.45 -8.29
N SER A 692 -6.32 -27.18 -7.30
CA SER A 692 -5.57 -28.16 -6.52
C SER A 692 -4.70 -29.09 -7.36
N VAL A 693 -5.24 -29.56 -8.49
CA VAL A 693 -4.52 -30.47 -9.39
C VAL A 693 -3.79 -29.76 -10.54
N THR A 694 -3.51 -28.47 -10.36
CA THR A 694 -2.79 -27.68 -11.36
C THR A 694 -1.52 -27.05 -10.76
N VAL A 695 -1.51 -26.93 -9.43
CA VAL A 695 -0.35 -26.39 -8.71
C VAL A 695 0.05 -27.30 -7.53
N VAL A 696 0.20 -28.58 -7.82
CA VAL A 696 0.51 -29.59 -6.80
C VAL A 696 1.81 -29.32 -6.04
N ALA A 697 2.89 -29.13 -6.79
CA ALA A 697 4.22 -28.93 -6.21
C ALA A 697 4.34 -27.63 -5.41
N ALA A 698 3.62 -26.60 -5.85
CA ALA A 698 3.62 -25.32 -5.15
C ALA A 698 2.93 -25.46 -3.80
N VAL A 699 1.95 -26.36 -3.72
CA VAL A 699 1.20 -26.62 -2.48
C VAL A 699 2.08 -27.31 -1.45
N GLU A 700 2.85 -28.31 -1.88
CA GLU A 700 3.75 -29.00 -0.96
C GLU A 700 4.83 -28.05 -0.46
N ALA A 701 5.24 -27.12 -1.33
CA ALA A 701 6.23 -26.12 -0.99
C ALA A 701 5.74 -25.24 0.14
N MET A 702 4.49 -24.81 0.04
CA MET A 702 3.86 -23.99 1.08
C MET A 702 3.66 -24.78 2.36
N ASN A 703 3.22 -26.02 2.24
CA ASN A 703 3.02 -26.90 3.40
C ASN A 703 4.32 -27.21 4.14
N TRP A 704 5.44 -27.18 3.41
CA TRP A 704 6.75 -27.36 4.02
C TRP A 704 7.10 -26.12 4.84
N LEU A 705 6.72 -24.95 4.30
CA LEU A 705 6.95 -23.67 4.97
C LEU A 705 6.02 -23.49 6.16
N LYS A 706 4.75 -23.88 5.99
CA LYS A 706 3.75 -23.80 7.06
C LYS A 706 4.17 -24.64 8.27
N SER A 707 4.65 -25.85 8.02
CA SER A 707 5.12 -26.76 9.05
C SER A 707 6.31 -26.14 9.79
N ALA A 708 7.29 -25.68 9.02
CA ALA A 708 8.48 -25.06 9.57
C ALA A 708 8.12 -23.96 10.56
N ALA A 709 7.27 -23.04 10.10
CA ALA A 709 6.82 -21.90 10.92
C ALA A 709 5.93 -22.32 12.08
N LYS A 710 5.09 -23.33 11.87
CA LYS A 710 4.21 -23.83 12.92
C LYS A 710 5.03 -24.36 14.08
N LEU A 711 6.01 -25.21 13.77
CA LEU A 711 6.86 -25.83 14.78
C LEU A 711 7.78 -24.85 15.49
N LEU A 712 8.25 -23.83 14.79
CA LEU A 712 9.10 -22.80 15.38
C LEU A 712 8.36 -21.92 16.37
N ALA A 713 7.13 -21.53 16.01
CA ALA A 713 6.30 -20.67 16.85
C ALA A 713 5.75 -21.41 18.07
N ALA A 714 5.90 -22.72 18.09
CA ALA A 714 5.36 -23.54 19.16
C ALA A 714 6.18 -23.41 20.45
N GLU A 715 5.46 -23.44 21.57
CA GLU A 715 6.06 -23.44 22.90
C GLU A 715 6.18 -24.89 23.36
N VAL A 716 7.29 -25.22 24.01
CA VAL A 716 7.54 -26.59 24.45
C VAL A 716 6.64 -27.07 25.60
N LYS A 717 6.59 -28.39 25.77
CA LYS A 717 5.85 -29.01 26.86
C LYS A 717 6.59 -30.27 27.29
N ASP A 718 6.56 -30.56 28.60
CA ASP A 718 7.19 -31.76 29.14
C ASP A 718 6.16 -32.58 29.92
N LYS A 719 6.54 -33.80 30.30
CA LYS A 719 5.67 -34.71 31.06
C LYS A 719 5.30 -34.12 32.42
N LYS A 720 4.18 -33.37 32.45
CA LYS A 720 3.64 -32.72 33.65
C LYS A 720 4.50 -31.55 34.16
N THR A 721 5.82 -31.68 34.00
CA THR A 721 6.78 -30.64 34.39
C THR A 721 6.66 -29.45 33.43
N GLY A 722 6.59 -28.23 33.98
CA GLY A 722 6.49 -27.02 33.16
C GLY A 722 7.81 -26.58 32.54
N GLU A 723 8.67 -27.56 32.28
CA GLU A 723 10.02 -27.32 31.77
C GLU A 723 10.01 -26.54 30.46
N ILE A 724 10.62 -25.36 30.48
CA ILE A 724 10.72 -24.49 29.30
C ILE A 724 11.97 -24.88 28.51
N LEU A 725 11.89 -26.05 27.86
CA LEU A 725 12.96 -26.61 27.04
C LEU A 725 13.28 -25.70 25.85
N ARG A 726 12.23 -25.11 25.26
CA ARG A 726 12.39 -24.15 24.16
C ARG A 726 11.17 -23.22 24.09
N LYS A 727 11.45 -21.93 23.91
CA LYS A 727 10.39 -20.93 23.80
C LYS A 727 9.92 -20.81 22.34
N ARG A 728 8.99 -19.89 22.10
CA ARG A 728 8.48 -19.62 20.76
C ARG A 728 9.53 -18.85 19.96
N CYS A 729 9.69 -19.21 18.69
CA CYS A 729 10.72 -18.61 17.86
C CYS A 729 10.23 -17.78 16.68
N ALA A 730 10.98 -16.73 16.39
CA ALA A 730 10.74 -15.89 15.22
C ALA A 730 11.35 -16.58 14.00
N VAL A 731 10.60 -16.62 12.90
CA VAL A 731 11.08 -17.24 11.68
C VAL A 731 12.02 -16.26 10.97
N HIS A 732 13.22 -16.72 10.65
CA HIS A 732 14.23 -15.88 10.00
C HIS A 732 14.89 -16.54 8.80
N TRP A 733 15.10 -15.74 7.76
CA TRP A 733 15.79 -16.16 6.54
C TRP A 733 16.40 -14.95 5.84
N VAL A 734 17.39 -15.20 4.99
CA VAL A 734 18.03 -14.14 4.22
C VAL A 734 17.76 -14.34 2.74
N THR A 735 17.34 -13.27 2.09
CA THR A 735 17.03 -13.28 0.66
C THR A 735 18.37 -13.23 -0.12
N PRO A 736 18.41 -13.83 -1.35
CA PRO A 736 19.63 -13.94 -2.17
C PRO A 736 20.55 -12.71 -2.25
N ASP A 737 20.00 -11.50 -2.41
CA ASP A 737 20.85 -10.32 -2.50
C ASP A 737 21.31 -9.81 -1.12
N GLY A 738 21.15 -10.65 -0.11
CA GLY A 738 21.63 -10.36 1.25
C GLY A 738 20.69 -9.67 2.22
N PHE A 739 19.43 -9.48 1.85
CA PHE A 739 18.45 -8.82 2.72
C PHE A 739 17.85 -9.80 3.72
N PRO A 740 18.00 -9.51 5.03
CA PRO A 740 17.47 -10.37 6.06
C PRO A 740 16.03 -9.99 6.47
N VAL A 741 15.20 -11.02 6.67
CA VAL A 741 13.81 -10.82 7.06
C VAL A 741 13.41 -11.69 8.24
N TRP A 742 12.88 -11.05 9.28
CA TRP A 742 12.41 -11.71 10.50
C TRP A 742 10.89 -11.67 10.56
N GLN A 743 10.26 -12.83 10.69
CA GLN A 743 8.80 -12.87 10.85
C GLN A 743 8.43 -13.03 12.33
N GLU A 744 7.89 -11.94 12.90
CA GLU A 744 7.49 -11.90 14.29
C GLU A 744 6.06 -11.39 14.46
N TYR A 745 5.09 -12.18 14.02
CA TYR A 745 3.70 -11.82 14.26
C TYR A 745 3.41 -12.06 15.73
N LYS A 746 3.12 -10.99 16.46
CA LYS A 746 2.84 -11.09 17.89
C LYS A 746 1.35 -10.90 18.18
N LYS A 747 0.87 -11.56 19.24
CA LYS A 747 -0.54 -11.51 19.60
C LYS A 747 -0.98 -10.09 19.92
N PRO A 748 -2.03 -9.61 19.23
CA PRO A 748 -2.61 -8.31 19.54
C PRO A 748 -3.29 -8.40 20.89
N ILE A 749 -2.89 -7.54 21.81
CA ILE A 749 -3.49 -7.48 23.14
C ILE A 749 -4.08 -6.11 23.40
N GLN A 750 -5.08 -6.05 24.27
CA GLN A 750 -5.70 -4.79 24.66
C GLN A 750 -5.47 -4.52 26.13
N THR A 751 -5.07 -3.29 26.43
CA THR A 751 -4.90 -2.83 27.81
C THR A 751 -5.91 -1.72 28.10
N ARG A 752 -6.10 -1.39 29.37
CA ARG A 752 -6.98 -0.29 29.76
C ARG A 752 -6.30 0.68 30.70
N LEU A 753 -6.56 1.96 30.49
CA LEU A 753 -6.00 3.00 31.34
C LEU A 753 -6.99 3.33 32.46
N ASN A 754 -6.47 3.91 33.55
CA ASN A 754 -7.30 4.23 34.71
C ASN A 754 -7.11 5.70 35.10
N LEU A 755 -7.91 6.56 34.47
CA LEU A 755 -7.74 8.00 34.59
C LEU A 755 -8.85 8.68 35.37
N MET A 756 -8.51 9.32 36.49
CA MET A 756 -9.47 10.06 37.29
C MET A 756 -9.78 11.38 36.58
N PHE A 757 -10.74 11.33 35.66
CA PHE A 757 -11.09 12.48 34.83
C PHE A 757 -11.91 13.53 35.60
N LEU A 758 -11.36 14.74 35.66
CA LEU A 758 -11.97 15.90 36.34
C LEU A 758 -12.48 15.66 37.75
N GLY A 759 -11.83 14.75 38.47
CA GLY A 759 -12.19 14.42 39.86
C GLY A 759 -13.63 13.97 40.06
N GLN A 760 -14.24 13.46 39.00
CA GLN A 760 -15.64 13.02 39.05
C GLN A 760 -15.78 11.53 38.80
N PHE A 761 -15.14 11.05 37.74
CA PHE A 761 -15.20 9.63 37.38
C PHE A 761 -13.85 9.12 36.88
N ARG A 762 -13.75 7.80 36.73
CA ARG A 762 -12.56 7.15 36.23
C ARG A 762 -12.72 6.79 34.76
N LEU A 763 -12.16 7.63 33.88
CA LEU A 763 -12.16 7.37 32.45
C LEU A 763 -11.21 6.20 32.19
N GLN A 764 -11.78 5.09 31.72
CA GLN A 764 -11.01 3.88 31.48
C GLN A 764 -11.07 3.43 30.03
N PRO A 765 -10.22 4.02 29.17
CA PRO A 765 -10.26 3.69 27.76
C PRO A 765 -9.50 2.42 27.44
N THR A 766 -10.15 1.53 26.68
CA THR A 766 -9.52 0.32 26.18
C THR A 766 -8.66 0.77 25.00
N ILE A 767 -7.41 0.34 24.97
CA ILE A 767 -6.49 0.69 23.91
C ILE A 767 -5.67 -0.50 23.42
N ASN A 768 -5.25 -0.46 22.16
CA ASN A 768 -4.45 -1.52 21.55
C ASN A 768 -2.96 -1.35 21.88
N THR A 769 -2.49 -2.14 22.85
CA THR A 769 -1.13 -2.07 23.39
C THR A 769 -0.04 -2.06 22.32
N ASN A 770 0.89 -1.11 22.43
CA ASN A 770 2.07 -1.07 21.56
C ASN A 770 3.20 -1.94 22.10
N LYS A 771 3.09 -2.29 23.38
CA LYS A 771 4.07 -3.15 24.03
C LYS A 771 3.90 -4.58 23.54
N ASP A 772 5.02 -5.20 23.15
CA ASP A 772 5.03 -6.56 22.63
C ASP A 772 4.56 -7.58 23.66
N SER A 773 4.20 -8.77 23.18
CA SER A 773 3.69 -9.82 24.05
C SER A 773 4.21 -11.19 23.64
N GLU A 774 3.29 -12.08 23.24
CA GLU A 774 3.61 -13.44 22.85
C GLU A 774 3.46 -13.57 21.34
N ILE A 775 4.33 -14.38 20.73
CA ILE A 775 4.31 -14.62 19.28
C ILE A 775 3.05 -15.36 18.86
N ASP A 776 2.32 -14.78 17.90
CA ASP A 776 1.08 -15.35 17.38
C ASP A 776 1.38 -16.54 16.46
N ALA A 777 1.32 -17.74 17.04
CA ALA A 777 1.63 -18.98 16.34
C ALA A 777 0.78 -19.21 15.11
N HIS A 778 -0.50 -18.82 15.16
CA HIS A 778 -1.42 -19.03 14.05
C HIS A 778 -1.03 -18.18 12.84
N LYS A 779 -0.75 -16.90 13.09
CA LYS A 779 -0.32 -16.00 12.02
C LYS A 779 1.02 -16.39 11.40
N GLN A 780 1.93 -16.89 12.25
CA GLN A 780 3.23 -17.36 11.80
C GLN A 780 3.07 -18.42 10.72
N GLU A 781 2.10 -19.31 10.90
CA GLU A 781 1.83 -20.40 9.95
C GLU A 781 1.13 -19.90 8.68
N SER A 782 0.12 -19.04 8.86
CA SER A 782 -0.69 -18.55 7.75
C SER A 782 0.00 -17.45 6.95
N GLY A 783 1.07 -16.88 7.52
CA GLY A 783 1.80 -15.79 6.88
C GLY A 783 3.15 -16.16 6.30
N ILE A 784 3.68 -17.33 6.68
CA ILE A 784 5.00 -17.76 6.22
C ILE A 784 5.12 -17.91 4.71
N ALA A 785 4.11 -18.52 4.08
CA ALA A 785 4.13 -18.74 2.64
C ALA A 785 4.09 -17.44 1.81
N PRO A 786 3.11 -16.55 2.06
CA PRO A 786 3.10 -15.33 1.24
C PRO A 786 4.34 -14.47 1.46
N ASN A 787 4.72 -14.28 2.72
CA ASN A 787 5.86 -13.44 3.09
C ASN A 787 7.21 -13.95 2.59
N PHE A 788 7.34 -15.27 2.43
CA PHE A 788 8.58 -15.86 1.93
C PHE A 788 8.75 -15.58 0.44
N VAL A 789 7.71 -15.86 -0.35
CA VAL A 789 7.76 -15.59 -1.78
C VAL A 789 7.76 -14.11 -2.12
N HIS A 790 7.09 -13.29 -1.29
CA HIS A 790 7.07 -11.86 -1.49
C HIS A 790 8.46 -11.26 -1.29
N SER A 791 9.19 -11.76 -0.29
CA SER A 791 10.57 -11.35 -0.07
C SER A 791 11.41 -11.88 -1.22
N GLN A 792 10.98 -13.03 -1.74
CA GLN A 792 11.69 -13.70 -2.82
C GLN A 792 11.57 -12.94 -4.13
N ASP A 793 10.36 -12.49 -4.48
CA ASP A 793 10.19 -11.70 -5.69
C ASP A 793 10.69 -10.28 -5.48
N GLY A 794 10.82 -9.90 -4.20
CA GLY A 794 11.34 -8.60 -3.83
C GLY A 794 12.81 -8.47 -4.17
N SER A 795 13.59 -9.52 -3.87
CA SER A 795 15.02 -9.51 -4.15
C SER A 795 15.27 -9.62 -5.65
N HIS A 796 14.48 -10.46 -6.31
CA HIS A 796 14.55 -10.61 -7.76
C HIS A 796 14.36 -9.26 -8.45
N LEU A 797 13.47 -8.44 -7.91
CA LEU A 797 13.23 -7.10 -8.44
C LEU A 797 14.45 -6.21 -8.22
N ARG A 798 14.99 -6.24 -7.00
CA ARG A 798 16.16 -5.43 -6.64
C ARG A 798 17.41 -5.84 -7.39
N LYS A 799 17.58 -7.14 -7.59
CA LYS A 799 18.73 -7.66 -8.35
C LYS A 799 18.60 -7.29 -9.82
N THR A 800 17.36 -7.17 -10.30
CA THR A 800 17.11 -6.79 -11.68
C THR A 800 17.59 -5.36 -11.92
N VAL A 801 17.20 -4.45 -11.03
CA VAL A 801 17.60 -3.05 -11.11
C VAL A 801 19.11 -2.91 -11.19
N VAL A 802 19.81 -3.54 -10.25
CA VAL A 802 21.27 -3.52 -10.18
C VAL A 802 21.91 -4.03 -11.48
N TRP A 803 21.47 -5.21 -11.92
CA TRP A 803 22.01 -5.84 -13.13
C TRP A 803 21.68 -5.06 -14.40
N ALA A 804 20.53 -4.38 -14.40
CA ALA A 804 20.12 -3.56 -15.53
C ALA A 804 20.86 -2.23 -15.53
N HIS A 805 21.16 -1.70 -14.34
CA HIS A 805 21.88 -0.44 -14.22
C HIS A 805 23.39 -0.59 -14.44
N GLU A 806 23.93 -1.73 -14.01
CA GLU A 806 25.38 -1.93 -14.06
C GLU A 806 25.91 -2.53 -15.37
N LYS A 807 25.29 -3.60 -15.86
CA LYS A 807 25.75 -4.20 -17.12
C LYS A 807 25.24 -3.42 -18.34
N TYR A 808 24.06 -2.84 -18.22
CA TYR A 808 23.46 -2.03 -19.29
C TYR A 808 23.35 -0.59 -18.79
N GLY A 809 23.08 0.35 -19.67
CA GLY A 809 23.03 1.76 -19.30
C GLY A 809 21.69 2.27 -18.78
N ILE A 810 20.85 1.36 -18.31
CA ILE A 810 19.50 1.70 -17.85
C ILE A 810 19.54 2.51 -16.55
N GLU A 811 18.97 3.71 -16.59
CA GLU A 811 18.95 4.63 -15.43
C GLU A 811 17.56 4.80 -14.85
N SER A 812 16.55 4.70 -15.70
CA SER A 812 15.15 4.88 -15.30
C SER A 812 14.43 3.55 -15.13
N PHE A 813 13.67 3.44 -14.04
CA PHE A 813 12.93 2.23 -13.74
C PHE A 813 11.51 2.52 -13.26
N ALA A 814 10.57 1.69 -13.72
CA ALA A 814 9.17 1.74 -13.28
C ALA A 814 8.91 0.39 -12.62
N LEU A 815 8.87 0.38 -11.29
CA LEU A 815 8.76 -0.86 -10.52
C LEU A 815 7.47 -1.00 -9.73
N ILE A 816 6.71 -2.05 -10.03
CA ILE A 816 5.47 -2.36 -9.30
C ILE A 816 5.50 -3.81 -8.81
N HIS A 817 6.53 -4.11 -8.02
CA HIS A 817 6.70 -5.42 -7.35
C HIS A 817 7.10 -6.59 -8.27
N ASP A 818 6.33 -6.79 -9.34
CA ASP A 818 6.62 -7.86 -10.30
C ASP A 818 6.53 -7.38 -11.74
N SER A 819 6.34 -6.07 -11.92
CA SER A 819 6.29 -5.42 -13.23
C SER A 819 7.53 -4.55 -13.39
N PHE A 820 8.17 -4.61 -14.56
CA PHE A 820 9.40 -3.87 -14.81
C PHE A 820 9.28 -2.97 -16.03
N GLY A 821 9.45 -1.66 -15.81
CA GLY A 821 9.29 -0.68 -16.88
C GLY A 821 10.44 0.29 -17.07
N THR A 822 10.79 0.51 -18.33
CA THR A 822 11.86 1.43 -18.73
C THR A 822 11.47 2.09 -20.06
N ILE A 823 12.32 3.01 -20.52
CA ILE A 823 12.17 3.66 -21.81
C ILE A 823 12.33 2.64 -22.95
N PRO A 824 11.62 2.86 -24.08
CA PRO A 824 11.63 1.95 -25.23
C PRO A 824 13.03 1.48 -25.68
N ALA A 825 14.00 2.38 -25.69
CA ALA A 825 15.36 2.04 -26.10
C ALA A 825 15.98 0.95 -25.21
N ASP A 826 15.82 1.11 -23.89
CA ASP A 826 16.37 0.16 -22.93
C ASP A 826 15.48 -1.06 -22.70
N ALA A 827 14.24 -1.00 -23.19
CA ALA A 827 13.26 -2.08 -23.01
C ALA A 827 13.85 -3.44 -23.36
N ALA A 828 14.47 -3.54 -24.54
CA ALA A 828 15.11 -4.77 -25.00
C ALA A 828 16.05 -5.37 -23.94
N ASN A 829 16.89 -4.51 -23.37
CA ASN A 829 17.82 -4.92 -22.33
C ASN A 829 17.11 -5.37 -21.07
N LEU A 830 16.10 -4.62 -20.65
CA LEU A 830 15.31 -4.97 -19.46
C LEU A 830 14.61 -6.32 -19.65
N PHE A 831 13.91 -6.46 -20.77
CA PHE A 831 13.23 -7.70 -21.15
C PHE A 831 14.17 -8.89 -21.03
N LYS A 832 15.44 -8.63 -21.30
CA LYS A 832 16.51 -9.63 -21.23
C LYS A 832 17.13 -9.67 -19.82
N ALA A 833 17.18 -8.52 -19.16
CA ALA A 833 17.77 -8.40 -17.82
C ALA A 833 17.02 -9.18 -16.73
N VAL A 834 15.69 -9.08 -16.76
CA VAL A 834 14.81 -9.80 -15.80
C VAL A 834 15.00 -11.32 -15.79
N ARG A 835 15.29 -11.89 -16.96
CA ARG A 835 15.47 -13.33 -17.08
C ARG A 835 16.80 -13.71 -16.48
N GLU A 836 17.85 -13.03 -16.94
CA GLU A 836 19.23 -13.27 -16.50
C GLU A 836 19.34 -13.26 -14.98
N THR A 837 18.77 -12.23 -14.36
CA THR A 837 18.79 -12.05 -12.91
C THR A 837 17.98 -13.13 -12.16
N MET A 838 16.96 -13.69 -12.80
CA MET A 838 16.19 -14.77 -12.18
C MET A 838 16.91 -16.09 -12.34
N VAL A 839 17.31 -16.39 -13.56
CA VAL A 839 18.06 -17.60 -13.86
C VAL A 839 19.27 -17.68 -12.93
N ASP A 840 19.95 -16.54 -12.76
CA ASP A 840 21.15 -16.47 -11.92
C ASP A 840 20.89 -16.79 -10.45
N THR A 841 19.79 -16.28 -9.90
CA THR A 841 19.43 -16.50 -8.48
C THR A 841 19.13 -17.96 -8.14
N TYR A 842 18.29 -18.59 -8.95
CA TYR A 842 17.89 -19.97 -8.70
C TYR A 842 18.94 -21.01 -9.10
N GLU A 843 19.92 -20.59 -9.89
CA GLU A 843 21.04 -21.46 -10.23
C GLU A 843 22.08 -21.44 -9.12
N SER A 844 22.34 -20.26 -8.58
CA SER A 844 23.38 -20.08 -7.57
C SER A 844 23.06 -20.69 -6.20
N CYS A 845 21.83 -20.50 -5.72
CA CYS A 845 21.47 -20.99 -4.39
C CYS A 845 20.03 -21.48 -4.23
N ASP A 846 19.89 -22.56 -3.48
CA ASP A 846 18.59 -23.12 -3.15
C ASP A 846 18.06 -22.42 -1.91
N VAL A 847 17.03 -21.59 -2.10
CA VAL A 847 16.47 -20.79 -1.01
C VAL A 847 15.81 -21.62 0.10
N LEU A 848 15.20 -22.75 -0.27
CA LEU A 848 14.58 -23.65 0.71
C LEU A 848 15.60 -24.40 1.56
N ALA A 849 16.74 -24.73 0.96
CA ALA A 849 17.85 -25.36 1.68
C ALA A 849 18.46 -24.35 2.64
N ASP A 850 18.65 -23.11 2.15
CA ASP A 850 19.21 -22.03 2.94
C ASP A 850 18.32 -21.70 4.13
N PHE A 851 17.01 -21.67 3.89
CA PHE A 851 16.02 -21.42 4.93
C PHE A 851 16.04 -22.55 5.96
N TYR A 852 16.19 -23.77 5.49
CA TYR A 852 16.29 -24.94 6.36
C TYR A 852 17.51 -24.83 7.27
N ASP A 853 18.63 -24.37 6.71
CA ASP A 853 19.88 -24.16 7.46
C ASP A 853 19.76 -23.07 8.52
N GLN A 854 18.68 -22.30 8.45
CA GLN A 854 18.44 -21.20 9.39
C GLN A 854 17.64 -21.60 10.61
N PHE A 855 16.64 -22.46 10.43
CA PHE A 855 15.74 -22.82 11.54
C PHE A 855 15.97 -24.18 12.22
N ALA A 856 17.00 -24.91 11.82
CA ALA A 856 17.29 -26.21 12.44
C ALA A 856 18.72 -26.65 12.19
N ASP A 857 19.60 -26.65 13.17
CA ASP A 857 19.43 -26.22 14.59
C ASP A 857 18.03 -25.97 15.18
N GLN A 858 17.79 -24.73 15.62
CA GLN A 858 16.54 -24.26 16.31
C GLN A 858 15.47 -25.26 16.76
N LEU A 859 14.98 -26.12 15.85
CA LEU A 859 14.00 -27.16 16.19
C LEU A 859 14.43 -27.95 17.43
N HIS A 860 13.44 -28.44 18.19
CA HIS A 860 13.73 -29.11 19.47
C HIS A 860 14.07 -30.60 19.36
N GLU A 861 13.05 -31.42 19.26
CA GLU A 861 13.14 -32.87 19.36
C GLU A 861 11.70 -33.26 19.65
N SER A 862 11.23 -34.36 19.05
CA SER A 862 9.81 -34.74 19.12
C SER A 862 9.02 -33.69 18.35
N GLN A 863 9.75 -32.99 17.49
CA GLN A 863 9.25 -31.90 16.68
C GLN A 863 9.69 -32.18 15.27
N LEU A 864 10.89 -32.75 15.15
CA LEU A 864 11.50 -33.14 13.88
C LEU A 864 10.86 -34.38 13.24
N ASP A 865 10.02 -35.08 14.00
CA ASP A 865 9.27 -36.21 13.44
C ASP A 865 7.96 -35.72 12.82
N LYS A 866 7.60 -34.47 13.14
CA LYS A 866 6.42 -33.81 12.60
C LYS A 866 6.83 -32.92 11.43
N MET A 867 8.13 -32.80 11.22
CA MET A 867 8.70 -31.94 10.19
C MET A 867 9.10 -32.70 8.90
N PRO A 868 8.47 -32.34 7.77
CA PRO A 868 8.83 -32.84 6.45
C PRO A 868 9.95 -31.94 5.89
N ALA A 869 10.34 -32.06 4.62
CA ALA A 869 9.82 -33.03 3.67
C ALA A 869 11.00 -33.74 3.01
N LEU A 870 11.80 -33.08 2.16
CA LEU A 870 11.67 -31.69 1.69
C LEU A 870 11.33 -31.76 0.19
N PRO A 871 10.40 -30.90 -0.29
CA PRO A 871 9.92 -30.95 -1.68
C PRO A 871 10.97 -31.38 -2.70
N ALA A 872 10.68 -32.46 -3.42
CA ALA A 872 11.57 -33.00 -4.45
C ALA A 872 11.76 -32.03 -5.62
N LYS A 873 12.97 -32.00 -6.17
CA LYS A 873 13.29 -31.13 -7.29
C LYS A 873 12.75 -31.71 -8.60
N GLY A 874 12.23 -30.84 -9.45
CA GLY A 874 11.64 -31.24 -10.73
C GLY A 874 12.63 -31.28 -11.87
N ASN A 875 12.10 -31.31 -13.09
CA ASN A 875 12.94 -31.43 -14.29
C ASN A 875 13.00 -30.17 -15.15
N LEU A 876 12.71 -29.02 -14.53
CA LEU A 876 12.78 -27.75 -15.23
C LEU A 876 14.22 -27.30 -15.39
N ASN A 877 14.55 -26.86 -16.60
CA ASN A 877 15.85 -26.29 -16.90
C ASN A 877 15.72 -24.77 -16.81
N LEU A 878 16.38 -24.18 -15.81
CA LEU A 878 16.29 -22.74 -15.53
C LEU A 878 16.71 -21.84 -16.68
N ARG A 879 17.62 -22.32 -17.52
CA ARG A 879 18.10 -21.56 -18.67
C ARG A 879 17.01 -21.28 -19.71
N ASP A 880 15.98 -22.13 -19.75
CA ASP A 880 14.87 -22.01 -20.69
C ASP A 880 14.10 -20.70 -20.54
N ILE A 881 14.18 -20.11 -19.34
CA ILE A 881 13.54 -18.82 -19.04
C ILE A 881 14.05 -17.74 -20.00
N LEU A 882 15.37 -17.75 -20.24
CA LEU A 882 16.00 -16.80 -21.16
C LEU A 882 15.37 -16.87 -22.55
N GLU A 883 14.94 -18.08 -22.92
CA GLU A 883 14.32 -18.31 -24.23
C GLU A 883 12.80 -18.23 -24.17
N SER A 884 12.27 -17.90 -22.99
CA SER A 884 10.83 -17.73 -22.80
C SER A 884 10.41 -16.34 -23.25
N ASP A 885 9.34 -16.27 -24.03
CA ASP A 885 8.88 -14.98 -24.55
C ASP A 885 7.86 -14.30 -23.66
N PHE A 886 6.98 -15.08 -23.05
CA PHE A 886 5.86 -14.54 -22.29
C PHE A 886 6.02 -14.57 -20.77
N ALA A 887 7.24 -14.84 -20.32
CA ALA A 887 7.58 -14.75 -18.90
C ALA A 887 8.22 -13.39 -18.67
N PHE A 888 7.44 -12.32 -18.87
CA PHE A 888 7.94 -10.96 -18.75
C PHE A 888 8.88 -10.74 -17.56
N ALA A 889 8.56 -11.38 -16.43
CA ALA A 889 9.37 -11.29 -15.23
C ALA A 889 10.01 -12.64 -14.89
#